data_7CD1
#
_entry.id   7CD1
#
_cell.length_a   93.205
_cell.length_b   117.426
_cell.length_c   163.239
_cell.angle_alpha   90.000
_cell.angle_beta   90.000
_cell.angle_gamma   90.000
#
_symmetry.space_group_name_H-M   'C 2 2 21'
#
loop_
_entity.id
_entity.type
_entity.pdbx_description
1 polymer 'Mothers against decapentaplegic homolog 7'
2 non-polymer 'SULFATE ION'
3 non-polymer 'CHLORIDE ION'
4 water water
#
_entity_poly.entity_id   1
_entity_poly.type   'polypeptide(L)'
_entity_poly.pdbx_seq_one_letter_code
;GSFTSSGSDSQLLLEPGDRSHWCVVAYWEEKTRVGRLYCVQEPSLDIFYDLPQGNGFCLGQLNSDNKSQLVQKVRSKIGC
GIQLTREVDGVWVYNRSSYPIFIKSATLDNPDSRTLLVHKVFPGFSIKAFDYEKAYSLQRPNDHEFMQQPWTGFTVQISF
VKGWGQCYTRQFISSCPCWLEVIFNSR
;
_entity_poly.pdbx_strand_id   A,B,C,D
#
# COMPACT_ATOMS: atom_id res chain seq x y z
N SER A 8 14.09 -8.07 8.14
CA SER A 8 13.87 -7.09 7.07
C SER A 8 14.99 -7.20 6.03
N ASP A 9 15.95 -8.09 6.28
CA ASP A 9 17.25 -8.01 5.61
C ASP A 9 17.50 -9.05 4.55
N SER A 10 16.61 -10.02 4.35
CA SER A 10 16.87 -11.11 3.43
C SER A 10 15.76 -11.19 2.38
N GLN A 11 16.16 -11.43 1.14
CA GLN A 11 15.19 -11.60 0.07
C GLN A 11 14.37 -12.85 0.32
N LEU A 12 13.14 -12.86 -0.19
CA LEU A 12 12.32 -14.05 0.02
C LEU A 12 11.24 -14.13 -1.04
N LEU A 13 10.73 -15.35 -1.19
CA LEU A 13 9.70 -15.67 -2.18
C LEU A 13 8.34 -15.53 -1.50
N LEU A 14 7.69 -14.38 -1.69
CA LEU A 14 6.41 -14.08 -1.04
C LEU A 14 5.24 -14.67 -1.84
N GLU A 15 4.31 -15.28 -1.13
CA GLU A 15 2.97 -15.54 -1.66
C GLU A 15 2.00 -14.77 -0.78
N PRO A 16 1.24 -13.81 -1.32
CA PRO A 16 0.46 -12.94 -0.44
C PRO A 16 -0.69 -13.67 0.26
N GLY A 17 -1.18 -14.76 -0.32
CA GLY A 17 -2.31 -15.47 0.24
C GLY A 17 -2.43 -16.86 -0.34
N ASP A 18 -3.59 -17.48 -0.13
CA ASP A 18 -3.78 -18.86 -0.56
C ASP A 18 -5.26 -19.12 -0.85
N ARG A 19 -5.53 -20.27 -1.45
CA ARG A 19 -6.88 -20.65 -1.84
C ARG A 19 -7.40 -21.83 -1.02
N SER A 20 -6.67 -22.26 -0.01
CA SER A 20 -6.93 -23.54 0.64
C SER A 20 -7.85 -23.45 1.85
N HIS A 21 -8.33 -22.26 2.22
CA HIS A 21 -9.29 -22.17 3.33
C HIS A 21 -10.69 -22.32 2.77
N TRP A 22 -11.42 -23.36 3.21
CA TRP A 22 -12.62 -23.75 2.48
C TRP A 22 -13.87 -23.02 2.96
N CYS A 23 -13.81 -22.30 4.07
CA CYS A 23 -14.88 -21.38 4.41
C CYS A 23 -14.32 -20.32 5.35
N VAL A 24 -15.10 -19.26 5.52
CA VAL A 24 -14.77 -18.14 6.41
C VAL A 24 -15.96 -17.88 7.32
N VAL A 25 -15.71 -17.83 8.63
CA VAL A 25 -16.77 -17.76 9.64
C VAL A 25 -16.76 -16.37 10.28
N ALA A 26 -17.89 -15.69 10.23
CA ALA A 26 -18.10 -14.43 10.96
C ALA A 26 -19.15 -14.61 12.05
N TYR A 27 -18.82 -14.24 13.28
CA TYR A 27 -19.75 -14.30 14.40
C TYR A 27 -20.40 -12.93 14.62
N TRP A 28 -21.72 -12.93 14.81
CA TRP A 28 -22.51 -11.72 15.00
C TRP A 28 -23.33 -11.80 16.27
N GLU A 29 -23.50 -10.66 16.93
CA GLU A 29 -24.53 -10.53 17.96
C GLU A 29 -25.44 -9.38 17.55
N GLU A 30 -26.67 -9.73 17.15
CA GLU A 30 -27.61 -8.83 16.52
C GLU A 30 -26.95 -8.14 15.33
N LYS A 31 -26.76 -6.82 15.39
CA LYS A 31 -26.16 -6.08 14.29
C LYS A 31 -24.67 -5.82 14.47
N THR A 32 -24.02 -6.46 15.42
CA THR A 32 -22.63 -6.20 15.79
C THR A 32 -21.77 -7.41 15.42
N ARG A 33 -20.74 -7.20 14.61
CA ARG A 33 -19.80 -8.29 14.35
CA ARG A 33 -19.80 -8.29 14.35
C ARG A 33 -18.83 -8.40 15.53
N VAL A 34 -18.61 -9.62 16.01
CA VAL A 34 -17.87 -9.87 17.23
C VAL A 34 -16.66 -10.72 16.90
N GLY A 35 -15.47 -10.23 17.25
CA GLY A 35 -14.25 -10.96 17.00
C GLY A 35 -13.83 -10.98 15.54
N ARG A 36 -12.60 -11.43 15.32
CA ARG A 36 -12.05 -11.56 13.99
C ARG A 36 -12.72 -12.70 13.22
N LEU A 37 -12.70 -12.60 11.90
CA LEU A 37 -13.11 -13.70 11.04
C LEU A 37 -12.20 -14.91 11.27
N TYR A 38 -12.76 -16.11 11.21
CA TYR A 38 -11.97 -17.33 11.30
C TYR A 38 -11.96 -18.00 9.93
N CYS A 39 -10.77 -18.14 9.33
CA CYS A 39 -10.61 -18.80 8.05
C CYS A 39 -10.27 -20.25 8.30
N VAL A 40 -11.13 -21.16 7.84
CA VAL A 40 -11.06 -22.57 8.21
C VAL A 40 -10.27 -23.34 7.15
N GLN A 41 -9.28 -24.12 7.60
CA GLN A 41 -8.51 -25.01 6.75
C GLN A 41 -8.64 -26.47 7.16
N GLU A 42 -8.75 -26.74 8.46
CA GLU A 42 -8.95 -28.09 8.99
C GLU A 42 -10.28 -28.66 8.50
N PRO A 43 -10.40 -30.00 8.44
CA PRO A 43 -11.61 -30.60 7.84
C PRO A 43 -12.88 -30.36 8.64
N SER A 44 -12.77 -30.00 9.91
CA SER A 44 -13.95 -29.84 10.75
C SER A 44 -13.69 -28.74 11.75
N LEU A 45 -14.73 -28.01 12.11
CA LEU A 45 -14.58 -26.92 13.07
C LEU A 45 -15.71 -26.97 14.09
N ASP A 46 -15.33 -27.04 15.36
CA ASP A 46 -16.28 -26.86 16.46
C ASP A 46 -16.43 -25.38 16.76
N ILE A 47 -17.68 -24.90 16.81
CA ILE A 47 -18.02 -23.53 17.15
C ILE A 47 -18.87 -23.57 18.40
N PHE A 48 -18.39 -22.99 19.49
CA PHE A 48 -19.01 -23.27 20.77
C PHE A 48 -18.84 -22.11 21.73
N TYR A 49 -19.72 -22.07 22.73
CA TYR A 49 -19.54 -21.18 23.86
C TYR A 49 -18.66 -21.83 24.92
N ASP A 50 -18.96 -23.09 25.25
CA ASP A 50 -18.24 -23.80 26.29
C ASP A 50 -18.29 -25.28 25.92
N LEU A 51 -17.12 -25.84 25.60
CA LEU A 51 -17.01 -27.26 25.25
C LEU A 51 -15.83 -27.81 26.02
N PRO A 52 -16.02 -28.86 26.82
CA PRO A 52 -14.92 -29.38 27.66
C PRO A 52 -13.75 -29.85 26.82
N GLN A 53 -12.55 -29.35 27.16
CA GLN A 53 -11.35 -29.55 26.36
C GLN A 53 -11.60 -29.23 24.89
N GLY A 54 -12.50 -28.27 24.65
CA GLY A 54 -12.86 -27.94 23.28
C GLY A 54 -11.74 -27.17 22.59
N ASN A 55 -11.54 -27.49 21.32
CA ASN A 55 -10.61 -26.78 20.46
C ASN A 55 -11.33 -26.40 19.18
N GLY A 56 -11.31 -25.12 18.86
CA GLY A 56 -12.02 -24.65 17.69
C GLY A 56 -12.25 -23.16 17.76
N PHE A 57 -13.48 -22.73 17.51
CA PHE A 57 -13.86 -21.32 17.47
C PHE A 57 -14.71 -21.08 18.71
N CYS A 58 -14.09 -20.56 19.79
CA CYS A 58 -14.79 -20.35 21.05
C CYS A 58 -15.42 -18.95 21.05
N LEU A 59 -16.74 -18.92 21.22
CA LEU A 59 -17.46 -17.65 21.25
C LEU A 59 -17.47 -17.02 22.63
N GLY A 60 -17.19 -17.79 23.69
CA GLY A 60 -17.11 -17.20 25.01
C GLY A 60 -15.89 -16.34 25.26
N GLN A 61 -14.80 -16.56 24.52
CA GLN A 61 -13.59 -15.79 24.75
C GLN A 61 -13.69 -14.38 24.20
N LEU A 62 -14.51 -14.17 23.18
CA LEU A 62 -14.62 -12.87 22.55
C LEU A 62 -15.19 -11.85 23.54
N ASN A 63 -14.76 -10.60 23.39
CA ASN A 63 -15.15 -9.51 24.29
C ASN A 63 -16.14 -8.62 23.53
N SER A 64 -17.41 -9.03 23.56
CA SER A 64 -18.41 -8.37 22.73
C SER A 64 -18.74 -6.98 23.25
N ASP A 65 -19.00 -6.06 22.33
CA ASP A 65 -19.56 -4.76 22.68
C ASP A 65 -21.04 -4.84 23.00
N ASN A 66 -21.71 -5.91 22.57
CA ASN A 66 -23.15 -6.06 22.80
C ASN A 66 -23.38 -6.51 24.23
N LYS A 67 -23.88 -5.60 25.08
CA LYS A 67 -24.10 -5.87 26.50
C LYS A 67 -25.56 -6.22 26.80
N SER A 68 -26.35 -6.53 25.79
CA SER A 68 -27.75 -6.89 25.99
C SER A 68 -27.89 -8.12 26.89
N GLN A 69 -28.89 -8.10 27.77
CA GLN A 69 -29.12 -9.24 28.67
C GLN A 69 -29.62 -10.44 27.89
N LEU A 70 -30.49 -10.21 26.91
CA LEU A 70 -30.93 -11.28 26.03
C LEU A 70 -29.76 -11.92 25.30
N VAL A 71 -28.83 -11.10 24.80
CA VAL A 71 -27.67 -11.67 24.10
C VAL A 71 -26.85 -12.51 25.06
N GLN A 72 -26.71 -12.05 26.32
CA GLN A 72 -25.94 -12.80 27.32
C GLN A 72 -26.61 -14.13 27.62
N LYS A 73 -27.93 -14.13 27.74
CA LYS A 73 -28.63 -15.37 28.03
C LYS A 73 -28.49 -16.37 26.88
N VAL A 74 -28.66 -15.89 25.64
CA VAL A 74 -28.59 -16.81 24.50
C VAL A 74 -27.16 -17.29 24.30
N ARG A 75 -26.19 -16.41 24.53
CA ARG A 75 -24.79 -16.81 24.38
C ARG A 75 -24.47 -18.02 25.25
N SER A 76 -24.92 -17.99 26.51
CA SER A 76 -24.69 -19.13 27.41
C SER A 76 -25.43 -20.38 26.94
N LYS A 77 -26.63 -20.20 26.38
CA LYS A 77 -27.39 -21.35 25.89
C LYS A 77 -26.70 -22.04 24.71
N ILE A 78 -25.85 -21.34 23.95
CA ILE A 78 -25.12 -22.00 22.87
C ILE A 78 -24.42 -23.26 23.37
N GLY A 79 -23.80 -23.18 24.55
CA GLY A 79 -23.19 -24.37 25.14
C GLY A 79 -22.16 -24.99 24.21
N CYS A 80 -22.31 -26.30 23.95
CA CYS A 80 -21.39 -27.02 23.08
C CYS A 80 -21.51 -26.66 21.60
N GLY A 81 -22.55 -25.93 21.20
CA GLY A 81 -22.52 -25.29 19.89
C GLY A 81 -22.77 -26.27 18.75
N ILE A 82 -22.02 -26.08 17.64
CA ILE A 82 -22.22 -26.87 16.44
C ILE A 82 -20.88 -27.35 15.92
N GLN A 83 -20.95 -28.32 15.01
CA GLN A 83 -19.77 -28.82 14.33
C GLN A 83 -20.00 -28.68 12.83
N LEU A 84 -19.03 -28.10 12.13
CA LEU A 84 -19.09 -27.85 10.71
C LEU A 84 -18.03 -28.73 10.06
N THR A 85 -18.42 -29.62 9.14
CA THR A 85 -17.49 -30.60 8.60
C THR A 85 -17.53 -30.60 7.08
N ARG A 86 -16.36 -30.44 6.47
CA ARG A 86 -16.23 -30.55 5.03
C ARG A 86 -15.97 -32.00 4.65
N GLU A 87 -16.82 -32.56 3.80
CA GLU A 87 -16.79 -33.97 3.45
C GLU A 87 -16.79 -34.08 1.93
N VAL A 88 -16.54 -35.30 1.44
CA VAL A 88 -16.49 -35.51 0.00
C VAL A 88 -17.80 -35.12 -0.67
N ASP A 89 -18.92 -35.25 0.05
CA ASP A 89 -20.24 -34.99 -0.53
C ASP A 89 -20.82 -33.62 -0.16
N GLY A 90 -20.09 -32.77 0.57
CA GLY A 90 -20.57 -31.43 0.86
C GLY A 90 -20.17 -31.02 2.26
N VAL A 91 -20.82 -29.98 2.79
CA VAL A 91 -20.52 -29.46 4.13
C VAL A 91 -21.70 -29.74 5.03
N TRP A 92 -21.45 -30.41 6.14
CA TRP A 92 -22.49 -30.81 7.07
C TRP A 92 -22.38 -30.02 8.36
N VAL A 93 -23.53 -29.77 8.98
CA VAL A 93 -23.61 -29.09 10.27
C VAL A 93 -24.29 -30.05 11.24
N TYR A 94 -23.65 -30.25 12.38
CA TYR A 94 -24.17 -31.09 13.46
C TYR A 94 -24.50 -30.19 14.65
N ASN A 95 -25.72 -30.33 15.18
CA ASN A 95 -26.15 -29.51 16.31
C ASN A 95 -25.81 -30.23 17.60
N ARG A 96 -24.78 -29.76 18.28
CA ARG A 96 -24.30 -30.35 19.52
C ARG A 96 -24.82 -29.61 20.75
N SER A 97 -25.72 -28.66 20.57
CA SER A 97 -26.23 -27.88 21.69
C SER A 97 -27.55 -28.47 22.18
N SER A 98 -28.08 -27.88 23.25
CA SER A 98 -29.36 -28.31 23.81
C SER A 98 -30.56 -27.60 23.19
N TYR A 99 -30.34 -26.75 22.20
CA TYR A 99 -31.36 -25.89 21.62
C TYR A 99 -31.34 -26.03 20.11
N PRO A 100 -32.45 -25.76 19.44
CA PRO A 100 -32.45 -25.79 17.98
C PRO A 100 -31.54 -24.71 17.44
N ILE A 101 -31.03 -24.96 16.24
CA ILE A 101 -30.39 -23.91 15.44
C ILE A 101 -31.24 -23.74 14.19
N PHE A 102 -31.05 -22.62 13.51
CA PHE A 102 -31.88 -22.25 12.37
C PHE A 102 -30.95 -21.87 11.24
N ILE A 103 -31.16 -22.44 10.06
CA ILE A 103 -30.19 -22.27 8.98
C ILE A 103 -30.89 -21.86 7.70
N LYS A 104 -30.30 -20.88 7.00
CA LYS A 104 -30.74 -20.50 5.66
C LYS A 104 -29.60 -20.80 4.71
N SER A 105 -29.86 -21.63 3.71
CA SER A 105 -28.85 -21.98 2.73
C SER A 105 -29.52 -22.17 1.38
N ALA A 106 -28.94 -21.55 0.35
CA ALA A 106 -29.51 -21.64 -0.99
C ALA A 106 -29.57 -23.07 -1.49
N THR A 107 -28.63 -23.93 -1.10
CA THR A 107 -28.70 -25.30 -1.61
C THR A 107 -29.67 -26.19 -0.84
N LEU A 108 -30.36 -25.68 0.17
CA LEU A 108 -31.37 -26.47 0.87
C LEU A 108 -32.76 -26.33 0.26
N ASP A 109 -32.94 -25.46 -0.73
CA ASP A 109 -34.28 -25.08 -1.17
C ASP A 109 -34.50 -25.41 -2.63
N ASN A 110 -35.76 -25.66 -2.95
CA ASN A 110 -36.26 -25.73 -4.32
C ASN A 110 -35.79 -24.52 -5.11
N PRO A 111 -35.03 -24.70 -6.20
CA PRO A 111 -34.50 -23.54 -6.94
C PRO A 111 -35.57 -22.68 -7.59
N ASP A 112 -36.80 -23.16 -7.73
CA ASP A 112 -37.88 -22.40 -8.36
C ASP A 112 -38.69 -21.56 -7.37
N SER A 113 -38.37 -21.60 -6.08
CA SER A 113 -39.16 -20.86 -5.10
C SER A 113 -38.85 -19.37 -5.17
N ARG A 114 -39.73 -18.57 -4.56
CA ARG A 114 -39.59 -17.12 -4.60
C ARG A 114 -38.61 -16.60 -3.56
N THR A 115 -38.53 -17.24 -2.41
CA THR A 115 -37.60 -16.80 -1.36
C THR A 115 -37.11 -18.01 -0.58
N LEU A 116 -35.91 -17.89 -0.01
CA LEU A 116 -35.32 -18.99 0.73
C LEU A 116 -35.97 -19.13 2.10
N LEU A 117 -36.11 -20.37 2.53
CA LEU A 117 -36.72 -20.68 3.82
C LEU A 117 -35.64 -20.80 4.89
N VAL A 118 -36.07 -20.67 6.14
CA VAL A 118 -35.22 -20.92 7.31
C VAL A 118 -35.54 -22.31 7.86
N HIS A 119 -34.53 -23.15 8.01
CA HIS A 119 -34.71 -24.54 8.38
C HIS A 119 -34.26 -24.79 9.83
N LYS A 120 -35.11 -25.45 10.61
CA LYS A 120 -34.79 -25.76 12.01
C LYS A 120 -34.06 -27.09 12.12
N VAL A 121 -33.02 -27.15 12.96
CA VAL A 121 -32.27 -28.37 13.21
C VAL A 121 -32.30 -28.65 14.70
N PHE A 122 -32.95 -29.76 15.09
CA PHE A 122 -33.02 -30.17 16.49
C PHE A 122 -31.64 -30.48 17.08
N PRO A 123 -31.51 -30.40 18.42
CA PRO A 123 -30.34 -31.00 19.09
C PRO A 123 -30.10 -32.44 18.67
N GLY A 124 -28.84 -32.74 18.33
CA GLY A 124 -28.45 -34.07 17.91
C GLY A 124 -28.68 -34.40 16.45
N PHE A 125 -29.31 -33.51 15.69
CA PHE A 125 -29.56 -33.75 14.28
C PHE A 125 -28.51 -33.02 13.44
N SER A 126 -28.38 -33.46 12.19
CA SER A 126 -27.45 -32.91 11.21
C SER A 126 -28.20 -32.46 9.98
N ILE A 127 -27.56 -31.60 9.19
CA ILE A 127 -28.12 -31.15 7.92
C ILE A 127 -26.97 -30.81 6.98
N LYS A 128 -27.17 -31.05 5.69
CA LYS A 128 -26.14 -30.68 4.72
C LYS A 128 -26.28 -29.20 4.43
N ALA A 129 -25.43 -28.39 5.07
CA ALA A 129 -25.57 -26.94 4.95
C ALA A 129 -25.14 -26.42 3.59
N PHE A 130 -24.23 -27.10 2.91
CA PHE A 130 -23.71 -26.60 1.65
C PHE A 130 -23.36 -27.77 0.73
N ASP A 131 -23.83 -27.69 -0.51
CA ASP A 131 -23.58 -28.73 -1.51
C ASP A 131 -22.87 -28.05 -2.68
N TYR A 132 -21.61 -28.44 -2.91
CA TYR A 132 -20.78 -27.79 -3.92
C TYR A 132 -21.41 -27.85 -5.30
N GLU A 133 -21.96 -29.01 -5.68
CA GLU A 133 -22.47 -29.19 -7.04
C GLU A 133 -23.78 -28.45 -7.26
N LYS A 134 -24.63 -28.40 -6.25
CA LYS A 134 -25.87 -27.64 -6.40
C LYS A 134 -25.57 -26.15 -6.49
N ALA A 135 -24.57 -25.68 -5.73
CA ALA A 135 -24.26 -24.26 -5.70
C ALA A 135 -23.56 -23.82 -6.98
N TYR A 136 -22.80 -24.74 -7.61
CA TYR A 136 -21.85 -24.38 -8.66
C TYR A 136 -22.45 -23.43 -9.68
N SER A 137 -23.63 -23.75 -10.19
CA SER A 137 -24.34 -22.87 -11.11
C SER A 137 -25.80 -22.80 -10.73
N LEU A 138 -26.07 -22.61 -9.45
CA LEU A 138 -27.45 -22.50 -8.98
C LEU A 138 -28.10 -21.25 -9.54
N GLN A 139 -29.30 -21.42 -10.09
CA GLN A 139 -30.09 -20.28 -10.53
C GLN A 139 -31.45 -20.34 -9.85
N ARG A 140 -31.89 -19.20 -9.33
CA ARG A 140 -33.20 -19.05 -8.69
C ARG A 140 -33.97 -17.99 -9.46
N PRO A 141 -34.59 -18.37 -10.59
CA PRO A 141 -35.13 -17.36 -11.52
C PRO A 141 -36.35 -16.63 -10.99
N ASN A 142 -37.04 -17.16 -10.00
CA ASN A 142 -38.19 -16.49 -9.42
C ASN A 142 -37.85 -15.69 -8.16
N ASP A 143 -36.56 -15.55 -7.84
CA ASP A 143 -36.09 -14.91 -6.59
C ASP A 143 -35.27 -13.68 -6.97
N HIS A 144 -35.91 -12.50 -6.97
CA HIS A 144 -35.23 -11.34 -7.53
C HIS A 144 -34.06 -10.91 -6.66
N GLU A 145 -34.22 -10.98 -5.33
CA GLU A 145 -33.12 -10.65 -4.43
C GLU A 145 -31.90 -11.51 -4.70
N PHE A 146 -32.11 -12.81 -4.93
CA PHE A 146 -31.00 -13.72 -5.18
C PHE A 146 -30.28 -13.35 -6.47
N MET A 147 -31.02 -13.04 -7.53
CA MET A 147 -30.36 -12.66 -8.77
C MET A 147 -29.59 -11.35 -8.62
N GLN A 148 -30.06 -10.45 -7.75
CA GLN A 148 -29.35 -9.19 -7.51
C GLN A 148 -28.17 -9.38 -6.56
N GLN A 149 -28.22 -10.38 -5.68
CA GLN A 149 -27.17 -10.62 -4.70
C GLN A 149 -26.75 -12.09 -4.79
N PRO A 150 -26.07 -12.48 -5.87
CA PRO A 150 -25.76 -13.91 -6.07
C PRO A 150 -24.77 -14.48 -5.08
N TRP A 151 -24.04 -13.64 -4.35
CA TRP A 151 -23.20 -14.14 -3.27
C TRP A 151 -24.02 -14.85 -2.20
N THR A 152 -25.33 -14.58 -2.16
CA THR A 152 -26.21 -15.34 -1.27
C THR A 152 -26.08 -16.83 -1.51
N GLY A 153 -25.72 -17.23 -2.73
CA GLY A 153 -25.60 -18.63 -3.08
C GLY A 153 -24.43 -19.36 -2.43
N PHE A 154 -23.47 -18.64 -1.84
CA PHE A 154 -22.29 -19.21 -1.20
CA PHE A 154 -22.42 -19.38 -1.14
C PHE A 154 -22.20 -18.88 0.28
N THR A 155 -23.17 -18.15 0.82
CA THR A 155 -23.15 -17.72 2.20
C THR A 155 -24.32 -18.36 2.94
N VAL A 156 -24.03 -19.01 4.04
CA VAL A 156 -25.05 -19.66 4.87
C VAL A 156 -25.16 -18.88 6.18
N GLN A 157 -26.38 -18.69 6.66
CA GLN A 157 -26.62 -17.98 7.90
C GLN A 157 -27.15 -18.99 8.91
N ILE A 158 -26.61 -18.98 10.12
CA ILE A 158 -27.04 -19.89 11.18
C ILE A 158 -27.31 -19.09 12.43
N SER A 159 -28.50 -19.25 13.01
CA SER A 159 -28.84 -18.59 14.27
C SER A 159 -28.97 -19.63 15.37
N PHE A 160 -28.45 -19.31 16.55
CA PHE A 160 -28.57 -20.20 17.71
C PHE A 160 -29.85 -19.87 18.50
N VAL A 161 -30.62 -20.89 18.83
CA VAL A 161 -31.72 -20.78 19.79
C VAL A 161 -32.95 -20.11 19.18
N LYS A 162 -32.78 -18.95 18.51
CA LYS A 162 -33.88 -18.13 18.04
C LYS A 162 -34.04 -18.23 16.52
N GLY A 163 -35.28 -18.45 16.06
CA GLY A 163 -35.54 -18.44 14.63
C GLY A 163 -35.74 -17.02 14.10
N TRP A 164 -35.80 -16.90 12.77
CA TRP A 164 -36.16 -15.65 12.12
C TRP A 164 -36.89 -15.97 10.82
N GLY A 165 -37.53 -14.94 10.26
CA GLY A 165 -38.18 -15.08 8.98
C GLY A 165 -39.69 -15.24 9.05
N GLN A 166 -40.23 -16.11 8.19
CA GLN A 166 -41.67 -16.20 7.98
C GLN A 166 -42.44 -16.44 9.27
N CYS A 167 -42.05 -17.46 10.04
CA CYS A 167 -42.86 -17.96 11.14
C CYS A 167 -42.44 -17.39 12.50
N TYR A 168 -41.68 -16.30 12.52
CA TYR A 168 -41.09 -15.79 13.74
C TYR A 168 -41.30 -14.29 13.82
N THR A 169 -41.28 -13.76 15.05
CA THR A 169 -41.39 -12.32 15.21
C THR A 169 -40.22 -11.60 14.55
N ARG A 170 -39.01 -12.11 14.74
CA ARG A 170 -37.84 -11.56 14.09
C ARG A 170 -37.93 -11.77 12.59
N GLN A 171 -37.98 -10.68 11.83
CA GLN A 171 -38.03 -10.78 10.37
C GLN A 171 -36.65 -10.97 9.76
N PHE A 172 -35.62 -10.33 10.32
CA PHE A 172 -34.30 -10.34 9.69
C PHE A 172 -33.26 -11.01 10.57
N ILE A 173 -32.25 -11.60 9.91
CA ILE A 173 -31.20 -12.32 10.63
C ILE A 173 -30.50 -11.39 11.63
N SER A 174 -30.31 -10.12 11.27
CA SER A 174 -29.59 -9.20 12.15
C SER A 174 -30.37 -8.84 13.40
N SER A 175 -31.60 -9.33 13.55
CA SER A 175 -32.31 -9.19 14.81
C SER A 175 -32.07 -10.38 15.74
N CYS A 176 -31.33 -11.40 15.29
CA CYS A 176 -31.07 -12.55 16.15
C CYS A 176 -29.96 -12.23 17.14
N PRO A 177 -30.09 -12.70 18.39
CA PRO A 177 -29.07 -12.39 19.41
C PRO A 177 -27.69 -12.94 19.10
N CYS A 178 -27.58 -14.15 18.55
CA CYS A 178 -26.30 -14.82 18.33
C CYS A 178 -26.37 -15.58 17.01
N TRP A 179 -25.59 -15.16 16.01
CA TRP A 179 -25.67 -15.87 14.74
C TRP A 179 -24.33 -15.87 14.03
N LEU A 180 -24.27 -16.68 12.98
CA LEU A 180 -23.06 -16.91 12.21
C LEU A 180 -23.32 -16.61 10.75
N GLU A 181 -22.31 -16.04 10.10
CA GLU A 181 -22.27 -15.90 8.64
C GLU A 181 -21.13 -16.81 8.17
N VAL A 182 -21.44 -17.81 7.34
CA VAL A 182 -20.42 -18.74 6.84
C VAL A 182 -20.29 -18.58 5.34
N ILE A 183 -19.12 -18.14 4.89
CA ILE A 183 -18.89 -17.87 3.47
C ILE A 183 -18.08 -19.04 2.94
N PHE A 184 -18.62 -19.76 1.96
CA PHE A 184 -17.99 -20.97 1.48
C PHE A 184 -17.14 -20.73 0.24
N ASN A 185 -15.97 -21.34 0.22
CA ASN A 185 -15.13 -21.45 -0.97
C ASN A 185 -15.72 -22.48 -1.93
N SER A 186 -15.24 -22.46 -3.17
N SER A 186 -15.24 -22.46 -3.17
CA SER A 186 -15.62 -23.48 -4.13
CA SER A 186 -15.62 -23.48 -4.13
C SER A 186 -14.76 -24.72 -3.92
C SER A 186 -14.73 -24.71 -3.94
N ARG A 187 -15.09 -25.80 -4.62
CA ARG A 187 -14.37 -27.06 -4.44
C ARG A 187 -12.90 -26.97 -4.86
N SER B 8 -6.45 33.93 -9.40
CA SER B 8 -7.16 34.35 -10.59
C SER B 8 -7.42 35.86 -10.59
N ASP B 9 -6.34 36.65 -10.66
CA ASP B 9 -6.42 38.09 -10.40
C ASP B 9 -7.12 38.36 -9.07
N SER B 10 -6.81 37.52 -8.08
CA SER B 10 -7.41 37.62 -6.76
C SER B 10 -6.49 36.92 -5.76
N GLN B 11 -6.79 37.10 -4.49
CA GLN B 11 -5.94 36.55 -3.44
C GLN B 11 -6.13 35.03 -3.35
N LEU B 12 -5.14 34.36 -2.78
CA LEU B 12 -5.28 32.94 -2.52
C LEU B 12 -4.33 32.53 -1.41
N LEU B 13 -4.70 31.42 -0.77
CA LEU B 13 -3.94 30.80 0.31
C LEU B 13 -2.97 29.81 -0.34
N LEU B 14 -1.70 30.18 -0.42
CA LEU B 14 -0.72 29.42 -1.17
C LEU B 14 0.05 28.48 -0.25
N GLU B 15 0.12 27.20 -0.61
CA GLU B 15 1.09 26.32 0.03
C GLU B 15 2.18 25.98 -0.97
N PRO B 16 3.44 26.31 -0.67
CA PRO B 16 4.51 26.14 -1.67
C PRO B 16 4.78 24.70 -2.03
N GLY B 17 4.46 23.76 -1.14
CA GLY B 17 4.80 22.38 -1.41
C GLY B 17 4.12 21.48 -0.39
N ASP B 18 4.59 20.23 -0.32
CA ASP B 18 3.93 19.27 0.55
C ASP B 18 4.95 18.28 1.10
N ARG B 19 4.53 17.55 2.11
CA ARG B 19 5.38 16.52 2.71
C ARG B 19 4.84 15.12 2.45
N SER B 20 3.90 14.95 1.53
CA SER B 20 3.14 13.71 1.43
C SER B 20 3.65 12.77 0.35
N HIS B 21 4.69 13.13 -0.38
CA HIS B 21 5.32 12.19 -1.30
C HIS B 21 6.33 11.36 -0.52
N TRP B 22 6.15 10.05 -0.52
CA TRP B 22 6.89 9.19 0.38
C TRP B 22 8.25 8.74 -0.17
N CYS B 23 8.53 8.94 -1.46
CA CYS B 23 9.87 8.73 -1.98
C CYS B 23 10.02 9.50 -3.30
N VAL B 24 11.27 9.64 -3.72
CA VAL B 24 11.63 10.36 -4.93
C VAL B 24 12.58 9.46 -5.71
N VAL B 25 12.28 9.24 -6.99
CA VAL B 25 13.00 8.28 -7.83
C VAL B 25 13.77 9.03 -8.90
N ALA B 26 15.07 8.75 -8.98
CA ALA B 26 15.93 9.25 -10.05
C ALA B 26 16.42 8.05 -10.86
N TYR B 27 16.32 8.14 -12.19
CA TYR B 27 16.83 7.12 -13.09
C TYR B 27 18.16 7.57 -13.70
N TRP B 28 19.15 6.68 -13.67
CA TRP B 28 20.50 6.97 -14.13
C TRP B 28 20.96 5.96 -15.15
N GLU B 29 21.73 6.43 -16.14
CA GLU B 29 22.51 5.56 -17.02
C GLU B 29 23.98 5.97 -16.89
N GLU B 30 24.77 5.14 -16.22
CA GLU B 30 26.17 5.43 -15.86
C GLU B 30 26.19 6.72 -15.03
N LYS B 31 26.86 7.78 -15.48
CA LYS B 31 26.94 9.04 -14.73
C LYS B 31 25.93 10.08 -15.19
N THR B 32 24.94 9.69 -15.97
CA THR B 32 23.99 10.64 -16.55
C THR B 32 22.61 10.42 -15.96
N ARG B 33 22.08 11.43 -15.27
CA ARG B 33 20.71 11.34 -14.80
C ARG B 33 19.76 11.53 -15.98
N VAL B 34 18.83 10.60 -16.16
CA VAL B 34 17.96 10.56 -17.33
C VAL B 34 16.56 10.95 -16.90
N GLY B 35 16.05 12.05 -17.45
CA GLY B 35 14.69 12.45 -17.20
C GLY B 35 14.53 13.16 -15.87
N ARG B 36 13.30 13.57 -15.61
CA ARG B 36 13.04 14.29 -14.38
C ARG B 36 12.90 13.32 -13.23
N LEU B 37 13.08 13.84 -12.02
CA LEU B 37 12.75 13.09 -10.80
C LEU B 37 11.26 12.80 -10.76
N TYR B 38 10.90 11.61 -10.28
CA TYR B 38 9.50 11.25 -10.08
C TYR B 38 9.22 11.22 -8.60
N CYS B 39 8.35 12.13 -8.14
CA CYS B 39 7.93 12.16 -6.74
C CYS B 39 6.71 11.26 -6.56
N VAL B 40 6.83 10.23 -5.72
CA VAL B 40 5.84 9.16 -5.64
C VAL B 40 4.84 9.46 -4.52
N GLN B 41 3.55 9.41 -4.87
CA GLN B 41 2.44 9.55 -3.95
C GLN B 41 1.59 8.30 -3.83
N GLU B 42 1.44 7.56 -4.93
CA GLU B 42 0.63 6.37 -4.96
C GLU B 42 1.24 5.27 -4.07
N PRO B 43 0.43 4.30 -3.61
CA PRO B 43 0.95 3.27 -2.68
C PRO B 43 2.01 2.39 -3.27
N SER B 44 2.07 2.26 -4.59
CA SER B 44 2.99 1.35 -5.26
C SER B 44 3.40 1.99 -6.57
N LEU B 45 4.61 1.70 -7.01
CA LEU B 45 5.06 2.20 -8.30
C LEU B 45 5.71 1.06 -9.08
N ASP B 46 5.22 0.82 -10.29
CA ASP B 46 5.88 -0.07 -11.23
C ASP B 46 6.91 0.73 -12.03
N ILE B 47 8.14 0.23 -12.08
CA ILE B 47 9.24 0.84 -12.81
C ILE B 47 9.74 -0.18 -13.80
N PHE B 48 9.61 0.11 -15.09
CA PHE B 48 9.79 -0.95 -16.08
C PHE B 48 10.31 -0.39 -17.39
N TYR B 49 10.83 -1.29 -18.22
CA TYR B 49 11.16 -0.97 -19.59
C TYR B 49 10.01 -1.30 -20.53
N ASP B 50 9.53 -2.54 -20.48
CA ASP B 50 8.31 -2.92 -21.19
C ASP B 50 7.57 -3.93 -20.34
N LEU B 51 6.49 -3.47 -19.71
CA LEU B 51 5.58 -4.31 -18.96
C LEU B 51 4.28 -4.28 -19.75
N PRO B 52 3.74 -5.43 -20.16
CA PRO B 52 2.52 -5.40 -20.98
C PRO B 52 1.41 -4.70 -20.23
N GLN B 53 0.79 -3.71 -20.89
CA GLN B 53 -0.27 -2.89 -20.33
C GLN B 53 0.19 -2.17 -19.06
N GLY B 54 1.50 -1.94 -18.94
CA GLY B 54 2.03 -1.35 -17.72
C GLY B 54 1.74 0.13 -17.60
N ASN B 55 1.57 0.56 -16.36
CA ASN B 55 1.37 1.97 -16.00
C ASN B 55 2.30 2.30 -14.84
N GLY B 56 3.14 3.29 -15.03
CA GLY B 56 3.99 3.68 -13.92
C GLY B 56 5.15 4.50 -14.43
N PHE B 57 6.36 4.17 -13.98
CA PHE B 57 7.58 4.88 -14.37
C PHE B 57 8.21 4.09 -15.50
N CYS B 58 7.93 4.48 -16.75
CA CYS B 58 8.40 3.72 -17.91
C CYS B 58 9.76 4.24 -18.33
N LEU B 59 10.79 3.39 -18.19
CA LEU B 59 12.14 3.75 -18.62
C LEU B 59 12.29 3.75 -20.13
N GLY B 60 11.46 2.99 -20.85
CA GLY B 60 11.55 2.95 -22.31
C GLY B 60 11.11 4.24 -22.98
N GLN B 61 10.35 5.08 -22.28
CA GLN B 61 9.93 6.38 -22.80
C GLN B 61 10.95 7.48 -22.52
N LEU B 62 11.91 7.26 -21.62
CA LEU B 62 13.00 8.19 -21.37
C LEU B 62 14.17 7.80 -22.27
N ASN B 63 14.48 8.65 -23.22
CA ASN B 63 15.57 8.37 -24.15
C ASN B 63 16.63 9.46 -24.02
N SER B 64 17.82 9.06 -23.61
CA SER B 64 18.94 9.97 -23.43
C SER B 64 19.82 9.96 -24.67
N ASP B 65 20.91 10.72 -24.61
CA ASP B 65 21.96 10.64 -25.61
C ASP B 65 23.07 9.69 -25.19
N ASN B 66 22.87 8.97 -24.07
CA ASN B 66 23.73 7.88 -23.63
C ASN B 66 23.36 6.66 -24.46
N LYS B 67 24.00 6.51 -25.61
CA LYS B 67 23.52 5.55 -26.58
C LYS B 67 24.46 4.36 -26.74
N SER B 68 25.29 4.13 -25.73
CA SER B 68 26.17 2.96 -25.72
C SER B 68 25.35 1.70 -25.93
N GLN B 69 25.90 0.77 -26.72
CA GLN B 69 25.19 -0.48 -26.98
C GLN B 69 25.00 -1.27 -25.69
N LEU B 70 25.93 -1.16 -24.75
CA LEU B 70 25.77 -1.85 -23.48
C LEU B 70 24.52 -1.35 -22.75
N VAL B 71 24.34 -0.03 -22.68
CA VAL B 71 23.16 0.53 -22.04
C VAL B 71 21.89 0.07 -22.75
N GLN B 72 21.90 0.08 -24.08
CA GLN B 72 20.73 -0.40 -24.83
C GLN B 72 20.40 -1.84 -24.48
N LYS B 73 21.41 -2.70 -24.40
CA LYS B 73 21.16 -4.11 -24.13
C LYS B 73 20.64 -4.32 -22.71
N VAL B 74 21.19 -3.59 -21.73
CA VAL B 74 20.70 -3.75 -20.36
C VAL B 74 19.27 -3.21 -20.23
N ARG B 75 18.98 -2.07 -20.86
CA ARG B 75 17.63 -1.52 -20.81
CA ARG B 75 17.63 -1.52 -20.81
C ARG B 75 16.60 -2.56 -21.22
N SER B 76 16.85 -3.26 -22.33
CA SER B 76 15.90 -4.28 -22.79
C SER B 76 15.76 -5.38 -21.75
N LYS B 77 16.87 -5.80 -21.14
CA LYS B 77 16.82 -6.86 -20.14
C LYS B 77 16.08 -6.44 -18.86
N ILE B 78 15.93 -5.13 -18.62
CA ILE B 78 15.08 -4.71 -17.49
C ILE B 78 13.70 -5.33 -17.61
N GLY B 79 13.14 -5.35 -18.83
CA GLY B 79 11.89 -6.05 -19.07
C GLY B 79 10.77 -5.48 -18.21
N CYS B 80 10.08 -6.38 -17.53
CA CYS B 80 8.96 -6.01 -16.66
C CYS B 80 9.40 -5.25 -15.41
N GLY B 81 10.70 -5.18 -15.12
CA GLY B 81 11.19 -4.23 -14.11
C GLY B 81 10.88 -4.67 -12.69
N ILE B 82 10.57 -3.69 -11.83
CA ILE B 82 10.35 -3.93 -10.41
C ILE B 82 9.07 -3.24 -9.96
N GLN B 83 8.61 -3.62 -8.78
CA GLN B 83 7.50 -2.93 -8.11
C GLN B 83 8.00 -2.47 -6.75
N LEU B 84 7.78 -1.19 -6.45
CA LEU B 84 8.11 -0.57 -5.18
C LEU B 84 6.82 -0.28 -4.44
N THR B 85 6.63 -0.88 -3.24
CA THR B 85 5.36 -0.77 -2.52
C THR B 85 5.56 -0.25 -1.10
N ARG B 86 4.84 0.81 -0.76
N ARG B 86 4.87 0.82 -0.75
CA ARG B 86 4.85 1.35 0.59
CA ARG B 86 4.88 1.35 0.60
C ARG B 86 3.92 0.53 1.49
C ARG B 86 3.94 0.54 1.49
N GLU B 87 4.44 0.08 2.63
CA GLU B 87 3.67 -0.69 3.63
C GLU B 87 3.90 -0.10 5.04
N VAL B 88 3.24 -0.70 6.04
CA VAL B 88 3.33 -0.16 7.41
C VAL B 88 4.77 -0.24 7.94
N ASP B 89 5.39 -1.42 7.82
CA ASP B 89 6.73 -1.57 8.38
C ASP B 89 7.81 -0.93 7.50
N GLY B 90 7.57 -0.83 6.20
CA GLY B 90 8.63 -0.33 5.34
C GLY B 90 8.22 -0.40 3.88
N VAL B 91 9.22 -0.33 3.02
CA VAL B 91 9.03 -0.30 1.58
C VAL B 91 9.66 -1.56 1.02
N TRP B 92 8.89 -2.28 0.22
CA TRP B 92 9.28 -3.55 -0.38
C TRP B 92 9.55 -3.36 -1.86
N VAL B 93 10.53 -4.10 -2.37
CA VAL B 93 10.85 -4.17 -3.78
C VAL B 93 10.57 -5.60 -4.25
N TYR B 94 9.83 -5.73 -5.35
CA TYR B 94 9.57 -7.03 -5.97
C TYR B 94 10.24 -7.04 -7.33
N ASN B 95 11.01 -8.10 -7.61
CA ASN B 95 11.77 -8.19 -8.86
C ASN B 95 10.93 -8.97 -9.87
N ARG B 96 10.36 -8.27 -10.83
CA ARG B 96 9.53 -8.83 -11.89
C ARG B 96 10.33 -9.10 -13.16
N SER B 97 11.62 -8.78 -13.17
CA SER B 97 12.50 -8.97 -14.30
C SER B 97 12.95 -10.42 -14.39
N SER B 98 13.48 -10.81 -15.55
CA SER B 98 14.04 -12.16 -15.69
C SER B 98 15.54 -12.19 -15.36
N TYR B 99 16.10 -11.09 -14.86
CA TYR B 99 17.47 -10.97 -14.38
C TYR B 99 17.49 -10.48 -12.93
N PRO B 100 18.53 -10.78 -12.16
CA PRO B 100 18.59 -10.26 -10.80
C PRO B 100 18.77 -8.75 -10.82
N ILE B 101 18.36 -8.13 -9.72
CA ILE B 101 18.66 -6.74 -9.46
C ILE B 101 19.59 -6.71 -8.25
N PHE B 102 20.23 -5.55 -8.04
CA PHE B 102 21.23 -5.39 -6.99
C PHE B 102 20.89 -4.16 -6.16
N ILE B 103 20.82 -4.32 -4.83
CA ILE B 103 20.29 -3.26 -3.96
C ILE B 103 21.28 -2.98 -2.85
N LYS B 104 21.53 -1.69 -2.60
CA LYS B 104 22.28 -1.24 -1.43
C LYS B 104 21.35 -0.38 -0.59
N SER B 105 21.19 -0.75 0.68
CA SER B 105 20.32 0.01 1.57
C SER B 105 20.84 -0.10 2.99
N ALA B 106 20.96 1.05 3.66
CA ALA B 106 21.49 1.06 5.02
C ALA B 106 20.71 0.15 5.96
N THR B 107 19.40 -0.03 5.74
CA THR B 107 18.64 -0.81 6.70
C THR B 107 18.70 -2.31 6.43
N LEU B 108 19.34 -2.74 5.35
CA LEU B 108 19.55 -4.15 5.10
C LEU B 108 20.80 -4.71 5.78
N ASP B 109 21.64 -3.86 6.38
CA ASP B 109 22.93 -4.31 6.89
C ASP B 109 23.01 -4.16 8.40
N ASN B 110 23.89 -4.96 9.00
CA ASN B 110 24.18 -4.90 10.43
C ASN B 110 24.74 -3.52 10.77
N PRO B 111 24.13 -2.77 11.69
CA PRO B 111 24.61 -1.40 11.96
C PRO B 111 26.05 -1.31 12.42
N ASP B 112 26.68 -2.41 12.82
CA ASP B 112 28.04 -2.33 13.32
C ASP B 112 29.10 -2.58 12.25
N SER B 113 28.70 -2.88 11.01
CA SER B 113 29.66 -3.20 9.96
C SER B 113 30.41 -1.94 9.52
N ARG B 114 31.51 -2.16 8.82
CA ARG B 114 32.34 -1.05 8.38
C ARG B 114 31.91 -0.47 7.04
N THR B 115 31.22 -1.23 6.19
CA THR B 115 30.79 -0.70 4.91
C THR B 115 29.55 -1.43 4.46
N LEU B 116 28.69 -0.75 3.69
CA LEU B 116 27.45 -1.38 3.24
C LEU B 116 27.72 -2.34 2.08
N LEU B 117 26.94 -3.42 2.04
CA LEU B 117 27.03 -4.44 1.02
C LEU B 117 25.99 -4.21 -0.08
N VAL B 118 26.23 -4.85 -1.22
CA VAL B 118 25.27 -4.89 -2.32
C VAL B 118 24.57 -6.25 -2.29
N HIS B 119 23.24 -6.25 -2.25
CA HIS B 119 22.45 -7.46 -2.08
C HIS B 119 21.76 -7.82 -3.39
N LYS B 120 21.88 -9.07 -3.80
CA LYS B 120 21.27 -9.55 -5.03
C LYS B 120 19.85 -10.05 -4.75
N VAL B 121 18.90 -9.65 -5.59
CA VAL B 121 17.52 -10.06 -5.46
C VAL B 121 17.14 -10.85 -6.70
N PHE B 122 16.75 -12.11 -6.51
CA PHE B 122 16.48 -13.00 -7.64
C PHE B 122 15.18 -12.59 -8.34
N PRO B 123 15.05 -12.92 -9.63
CA PRO B 123 13.75 -12.84 -10.29
C PRO B 123 12.66 -13.51 -9.47
N GLY B 124 11.55 -12.79 -9.29
CA GLY B 124 10.40 -13.29 -8.56
C GLY B 124 10.49 -13.17 -7.06
N PHE B 125 11.62 -12.71 -6.53
CA PHE B 125 11.78 -12.51 -5.10
C PHE B 125 11.52 -11.05 -4.72
N SER B 126 11.24 -10.86 -3.45
CA SER B 126 10.98 -9.56 -2.84
C SER B 126 12.00 -9.32 -1.72
N ILE B 127 12.19 -8.05 -1.38
CA ILE B 127 13.05 -7.69 -0.25
C ILE B 127 12.53 -6.41 0.37
N LYS B 128 12.66 -6.30 1.69
CA LYS B 128 12.29 -5.04 2.35
C LYS B 128 13.44 -4.07 2.18
N ALA B 129 13.31 -3.19 1.19
CA ALA B 129 14.42 -2.30 0.82
C ALA B 129 14.63 -1.18 1.85
N PHE B 130 13.58 -0.73 2.52
CA PHE B 130 13.70 0.36 3.48
C PHE B 130 12.84 0.05 4.71
N ASP B 131 13.45 0.10 5.90
CA ASP B 131 12.75 -0.20 7.15
C ASP B 131 12.65 1.10 7.95
N TYR B 132 11.42 1.57 8.14
CA TYR B 132 11.20 2.91 8.74
C TYR B 132 11.77 2.98 10.16
N GLU B 133 11.49 1.98 10.98
CA GLU B 133 11.93 2.01 12.37
C GLU B 133 13.46 1.96 12.47
N LYS B 134 14.08 1.05 11.71
CA LYS B 134 15.53 0.95 11.72
C LYS B 134 16.18 2.23 11.21
N ALA B 135 15.59 2.88 10.19
CA ALA B 135 16.23 4.09 9.64
C ALA B 135 16.12 5.27 10.60
N TYR B 136 15.08 5.31 11.42
CA TYR B 136 14.86 6.44 12.31
C TYR B 136 15.96 6.57 13.36
N SER B 137 16.50 5.44 13.82
CA SER B 137 17.50 5.44 14.89
C SER B 137 18.79 4.76 14.47
N LEU B 138 19.07 4.70 13.17
CA LEU B 138 20.24 3.98 12.69
C LEU B 138 21.52 4.77 12.94
N GLN B 139 22.49 4.11 13.57
CA GLN B 139 23.84 4.64 13.68
C GLN B 139 24.80 3.57 13.22
N ARG B 140 25.80 3.98 12.43
CA ARG B 140 26.82 3.07 11.91
C ARG B 140 28.18 3.58 12.37
N PRO B 141 28.52 3.36 13.64
CA PRO B 141 29.71 4.03 14.23
C PRO B 141 31.04 3.58 13.65
N ASN B 142 31.11 2.41 13.03
CA ASN B 142 32.32 1.91 12.42
C ASN B 142 32.41 2.22 10.93
N ASP B 143 31.47 2.99 10.39
CA ASP B 143 31.40 3.31 8.96
C ASP B 143 31.64 4.81 8.82
N HIS B 144 32.91 5.19 8.62
CA HIS B 144 33.27 6.60 8.61
C HIS B 144 32.59 7.34 7.46
N GLU B 145 32.58 6.75 6.27
CA GLU B 145 31.93 7.40 5.14
C GLU B 145 30.44 7.62 5.40
N PHE B 146 29.80 6.69 6.11
CA PHE B 146 28.39 6.84 6.43
C PHE B 146 28.17 7.99 7.40
N MET B 147 29.04 8.12 8.41
CA MET B 147 28.90 9.25 9.34
C MET B 147 29.16 10.59 8.66
N GLN B 148 30.05 10.61 7.68
CA GLN B 148 30.30 11.81 6.91
C GLN B 148 29.19 12.12 5.92
N GLN B 149 28.44 11.10 5.50
CA GLN B 149 27.41 11.25 4.47
C GLN B 149 26.13 10.57 4.96
N PRO B 150 25.52 11.08 6.02
CA PRO B 150 24.42 10.34 6.66
C PRO B 150 23.16 10.22 5.80
N TRP B 151 23.05 11.00 4.71
CA TRP B 151 21.95 10.84 3.76
C TRP B 151 21.94 9.47 3.12
N THR B 152 23.07 8.77 3.14
CA THR B 152 23.11 7.36 2.73
C THR B 152 22.08 6.53 3.48
N GLY B 153 21.68 6.96 4.68
CA GLY B 153 20.70 6.21 5.46
C GLY B 153 19.29 6.23 4.89
N PHE B 154 18.99 7.14 3.95
CA PHE B 154 17.64 7.34 3.45
C PHE B 154 17.56 7.15 1.95
N THR B 155 18.68 6.86 1.31
CA THR B 155 18.73 6.65 -0.14
C THR B 155 19.06 5.19 -0.40
N VAL B 156 18.28 4.56 -1.28
CA VAL B 156 18.53 3.18 -1.70
C VAL B 156 18.98 3.22 -3.15
N GLN B 157 19.99 2.42 -3.49
CA GLN B 157 20.46 2.34 -4.87
C GLN B 157 20.11 0.95 -5.41
N ILE B 158 19.57 0.92 -6.62
CA ILE B 158 19.19 -0.32 -7.28
C ILE B 158 19.81 -0.34 -8.66
N SER B 159 20.59 -1.38 -8.96
CA SER B 159 21.12 -1.58 -10.30
C SER B 159 20.41 -2.75 -10.97
N PHE B 160 20.10 -2.60 -12.25
CA PHE B 160 19.50 -3.69 -13.03
C PHE B 160 20.58 -4.48 -13.73
N VAL B 161 20.48 -5.82 -13.65
CA VAL B 161 21.31 -6.74 -14.41
C VAL B 161 22.72 -6.81 -13.84
N LYS B 162 23.39 -5.67 -13.67
CA LYS B 162 24.80 -5.61 -13.34
C LYS B 162 25.01 -5.23 -11.87
N GLY B 163 25.82 -6.02 -11.17
CA GLY B 163 26.21 -5.66 -9.82
C GLY B 163 27.34 -4.64 -9.79
N TRP B 164 27.68 -4.22 -8.57
CA TRP B 164 28.81 -3.32 -8.37
C TRP B 164 29.38 -3.56 -6.98
N GLY B 165 30.61 -3.07 -6.78
CA GLY B 165 31.27 -3.26 -5.51
C GLY B 165 32.12 -4.51 -5.44
N GLN B 166 32.26 -5.05 -4.24
CA GLN B 166 33.07 -6.26 -4.03
C GLN B 166 32.57 -7.41 -4.88
N CYS B 167 33.51 -8.02 -5.63
CA CYS B 167 33.30 -9.16 -6.53
C CYS B 167 32.67 -8.78 -7.86
N TYR B 168 32.71 -7.50 -8.25
CA TYR B 168 32.19 -7.10 -9.55
C TYR B 168 33.23 -6.24 -10.26
N THR B 169 33.11 -6.21 -11.59
CA THR B 169 34.02 -5.42 -12.40
C THR B 169 33.91 -3.94 -12.10
N ARG B 170 32.70 -3.48 -11.77
CA ARG B 170 32.46 -2.08 -11.47
C ARG B 170 32.55 -1.86 -9.97
N GLN B 171 33.46 -0.99 -9.55
CA GLN B 171 33.54 -0.70 -8.13
C GLN B 171 32.43 0.24 -7.68
N PHE B 172 31.96 1.11 -8.58
CA PHE B 172 31.06 2.19 -8.19
C PHE B 172 29.74 2.10 -8.94
N ILE B 173 28.66 2.51 -8.27
CA ILE B 173 27.33 2.45 -8.87
C ILE B 173 27.29 3.27 -10.16
N SER B 174 28.03 4.39 -10.21
CA SER B 174 27.97 5.27 -11.38
C SER B 174 28.62 4.65 -12.62
N SER B 175 29.18 3.44 -12.53
CA SER B 175 29.61 2.71 -13.72
C SER B 175 28.57 1.70 -14.19
N CYS B 176 27.43 1.60 -13.49
CA CYS B 176 26.41 0.64 -13.91
C CYS B 176 25.59 1.21 -15.08
N PRO B 177 25.21 0.35 -16.03
CA PRO B 177 24.46 0.83 -17.21
C PRO B 177 23.11 1.44 -16.89
N CYS B 178 22.33 0.84 -15.99
CA CYS B 178 20.96 1.27 -15.69
C CYS B 178 20.72 1.12 -14.19
N TRP B 179 20.52 2.24 -13.49
CA TRP B 179 20.32 2.12 -12.05
C TRP B 179 19.42 3.24 -11.54
N LEU B 180 18.95 3.05 -10.31
CA LEU B 180 17.99 3.94 -9.68
C LEU B 180 18.55 4.47 -8.37
N GLU B 181 18.25 5.73 -8.10
CA GLU B 181 18.43 6.38 -6.81
C GLU B 181 17.03 6.60 -6.24
N VAL B 182 16.73 5.99 -5.08
CA VAL B 182 15.43 6.15 -4.45
C VAL B 182 15.64 6.83 -3.10
N ILE B 183 15.11 8.04 -2.97
CA ILE B 183 15.26 8.84 -1.76
C ILE B 183 13.97 8.74 -0.95
N PHE B 184 14.06 8.26 0.28
CA PHE B 184 12.88 7.95 1.07
C PHE B 184 12.55 9.05 2.05
N ASN B 185 11.28 9.44 2.07
CA ASN B 185 10.74 10.29 3.11
C ASN B 185 10.63 9.47 4.40
N SER B 186 10.42 10.18 5.50
N SER B 186 10.41 10.16 5.51
CA SER B 186 10.11 9.55 6.78
CA SER B 186 10.14 9.48 6.75
C SER B 186 8.59 9.50 6.96
C SER B 186 8.65 9.13 6.78
N ARG B 187 8.15 8.73 7.94
CA ARG B 187 6.71 8.55 8.11
C ARG B 187 6.08 9.74 8.83
N SER C 8 7.30 -35.81 3.79
CA SER C 8 8.48 -35.46 4.57
C SER C 8 8.23 -35.58 6.07
N ASP C 9 8.28 -34.43 6.76
CA ASP C 9 8.01 -34.36 8.18
C ASP C 9 7.04 -33.21 8.41
N SER C 10 7.32 -32.07 7.79
CA SER C 10 6.44 -30.90 7.85
C SER C 10 5.68 -30.67 6.56
N GLN C 11 5.99 -31.40 5.49
CA GLN C 11 5.30 -31.24 4.23
C GLN C 11 3.95 -31.97 4.19
N LEU C 12 3.75 -32.95 5.06
CA LEU C 12 2.51 -33.71 5.06
C LEU C 12 1.43 -33.10 5.95
N LEU C 13 1.82 -32.41 7.03
CA LEU C 13 0.84 -31.90 7.98
C LEU C 13 0.06 -30.74 7.38
N LEU C 14 -1.24 -30.71 7.65
CA LEU C 14 -2.11 -29.60 7.27
C LEU C 14 -2.34 -28.74 8.50
N GLU C 15 -1.95 -27.46 8.42
CA GLU C 15 -2.08 -26.56 9.55
CA GLU C 15 -2.08 -26.62 9.58
C GLU C 15 -3.54 -26.17 9.76
N PRO C 16 -3.93 -25.84 10.99
CA PRO C 16 -5.31 -25.37 11.22
C PRO C 16 -5.49 -23.99 10.61
N GLY C 17 -6.75 -23.55 10.61
CA GLY C 17 -7.08 -22.21 10.16
C GLY C 17 -6.62 -21.15 11.17
N ASP C 18 -6.98 -19.90 10.87
CA ASP C 18 -6.48 -18.80 11.68
C ASP C 18 -7.38 -17.60 11.50
N ARG C 19 -7.08 -16.56 12.30
CA ARG C 19 -7.80 -15.30 12.28
C ARG C 19 -7.00 -14.19 11.65
N SER C 20 -5.85 -14.53 11.05
CA SER C 20 -4.86 -13.53 10.66
C SER C 20 -4.93 -13.14 9.18
N HIS C 21 -5.80 -13.75 8.38
CA HIS C 21 -5.98 -13.27 7.01
C HIS C 21 -6.85 -12.02 7.06
N TRP C 22 -6.34 -10.89 6.54
CA TRP C 22 -7.01 -9.63 6.74
C TRP C 22 -8.10 -9.33 5.72
N CYS C 23 -8.11 -10.02 4.57
CA CYS C 23 -9.28 -9.98 3.69
C CYS C 23 -9.34 -11.25 2.87
N VAL C 24 -10.50 -11.45 2.23
CA VAL C 24 -10.80 -12.60 1.38
C VAL C 24 -11.41 -12.05 0.09
N VAL C 25 -10.89 -12.50 -1.06
CA VAL C 25 -11.30 -11.96 -2.35
C VAL C 25 -12.04 -13.02 -3.17
N ALA C 26 -13.18 -12.63 -3.73
CA ALA C 26 -13.93 -13.46 -4.66
C ALA C 26 -14.00 -12.76 -6.01
N TYR C 27 -13.68 -13.48 -7.08
CA TYR C 27 -13.77 -12.94 -8.43
C TYR C 27 -15.06 -13.42 -9.09
N TRP C 28 -15.76 -12.51 -9.76
CA TRP C 28 -17.04 -12.80 -10.39
C TRP C 28 -17.02 -12.38 -11.86
N GLU C 29 -17.73 -13.13 -12.70
CA GLU C 29 -18.07 -12.66 -14.04
C GLU C 29 -19.59 -12.67 -14.14
N GLU C 30 -20.16 -11.47 -14.19
CA GLU C 30 -21.61 -11.27 -14.10
C GLU C 30 -22.18 -11.99 -12.89
N LYS C 31 -23.01 -13.02 -13.08
CA LYS C 31 -23.59 -13.72 -11.95
C LYS C 31 -22.82 -14.97 -11.57
N THR C 32 -21.66 -15.21 -12.16
CA THR C 32 -20.94 -16.46 -11.97
C THR C 32 -19.68 -16.24 -11.13
N ARG C 33 -19.53 -16.96 -10.02
N ARG C 33 -19.58 -16.95 -10.00
CA ARG C 33 -18.29 -16.88 -9.28
CA ARG C 33 -18.31 -17.03 -9.29
C ARG C 33 -17.24 -17.78 -9.91
C ARG C 33 -17.29 -17.74 -10.16
N VAL C 34 -16.07 -17.21 -10.20
CA VAL C 34 -14.99 -17.82 -10.97
C VAL C 34 -13.83 -18.09 -10.05
N GLY C 35 -13.47 -19.38 -9.92
CA GLY C 35 -12.28 -19.75 -9.18
C GLY C 35 -12.53 -19.81 -7.68
N ARG C 36 -11.53 -20.32 -6.98
CA ARG C 36 -11.59 -20.34 -5.52
C ARG C 36 -11.40 -18.92 -4.96
N LEU C 37 -11.90 -18.72 -3.74
CA LEU C 37 -11.58 -17.53 -2.98
C LEU C 37 -10.08 -17.43 -2.71
N TYR C 38 -9.59 -16.19 -2.62
CA TYR C 38 -8.19 -15.90 -2.34
C TYR C 38 -8.13 -15.22 -0.97
N CYS C 39 -7.55 -15.90 0.01
CA CYS C 39 -7.47 -15.39 1.38
C CYS C 39 -6.11 -14.74 1.57
N VAL C 40 -6.08 -13.47 1.98
CA VAL C 40 -4.85 -12.65 1.94
C VAL C 40 -4.24 -12.57 3.34
N GLN C 41 -2.95 -12.89 3.44
CA GLN C 41 -2.18 -12.82 4.67
C GLN C 41 -1.16 -11.68 4.71
N GLU C 42 -0.33 -11.56 3.67
N GLU C 42 -0.33 -11.56 3.68
CA GLU C 42 0.66 -10.49 3.58
CA GLU C 42 0.67 -10.50 3.64
C GLU C 42 -0.02 -9.13 3.41
C GLU C 42 0.00 -9.14 3.39
N PRO C 43 0.65 -8.04 3.77
CA PRO C 43 -0.02 -6.73 3.80
C PRO C 43 -0.33 -6.13 2.44
N SER C 44 0.06 -6.75 1.32
CA SER C 44 -0.20 -6.17 0.00
C SER C 44 -0.51 -7.29 -0.99
N LEU C 45 -1.40 -7.01 -1.93
CA LEU C 45 -1.73 -7.96 -2.97
C LEU C 45 -2.01 -7.26 -4.29
N ASP C 46 -1.39 -7.74 -5.37
CA ASP C 46 -1.82 -7.40 -6.72
C ASP C 46 -2.91 -8.37 -7.16
N ILE C 47 -3.92 -7.84 -7.85
CA ILE C 47 -4.97 -8.62 -8.50
C ILE C 47 -4.95 -8.24 -9.97
N PHE C 48 -4.66 -9.21 -10.84
CA PHE C 48 -4.22 -8.88 -12.18
C PHE C 48 -4.61 -10.01 -13.12
N TYR C 49 -4.41 -9.78 -14.42
CA TYR C 49 -4.83 -10.74 -15.44
C TYR C 49 -3.77 -11.79 -15.80
N ASP C 50 -2.58 -11.39 -16.23
CA ASP C 50 -1.62 -12.42 -16.64
C ASP C 50 -0.39 -12.47 -15.73
N LEU C 51 0.20 -13.66 -15.65
CA LEU C 51 1.24 -13.98 -14.67
C LEU C 51 2.39 -12.97 -14.58
N PRO C 52 2.97 -12.46 -15.66
CA PRO C 52 4.06 -11.47 -15.51
C PRO C 52 3.59 -10.14 -14.97
N GLN C 53 2.30 -9.94 -14.68
CA GLN C 53 1.77 -8.61 -14.40
C GLN C 53 1.61 -8.31 -12.90
N GLY C 54 1.97 -9.22 -12.02
CA GLY C 54 1.90 -8.87 -10.62
C GLY C 54 2.25 -10.04 -9.75
N ASN C 55 2.25 -9.79 -8.44
CA ASN C 55 2.47 -10.80 -7.43
C ASN C 55 1.19 -10.91 -6.61
N GLY C 56 0.50 -12.05 -6.72
CA GLY C 56 -0.75 -12.20 -6.01
C GLY C 56 -1.84 -13.06 -6.64
N PHE C 57 -3.01 -12.45 -6.86
CA PHE C 57 -4.22 -13.17 -7.29
C PHE C 57 -4.34 -13.01 -8.80
N CYS C 58 -3.98 -14.05 -9.54
CA CYS C 58 -3.99 -14.04 -11.00
C CYS C 58 -5.36 -14.47 -11.51
N LEU C 59 -6.08 -13.54 -12.15
CA LEU C 59 -7.40 -13.84 -12.67
C LEU C 59 -7.35 -14.52 -14.04
N GLY C 60 -6.30 -14.29 -14.83
CA GLY C 60 -6.22 -14.93 -16.13
C GLY C 60 -6.11 -16.44 -16.07
N GLN C 61 -5.60 -16.97 -14.96
CA GLN C 61 -5.46 -18.40 -14.75
C GLN C 61 -6.77 -19.07 -14.35
N LEU C 62 -7.79 -18.31 -13.97
CA LEU C 62 -9.02 -18.91 -13.46
C LEU C 62 -9.83 -19.49 -14.61
N ASN C 63 -10.24 -20.76 -14.46
CA ASN C 63 -11.09 -21.41 -15.45
C ASN C 63 -12.52 -20.91 -15.30
N SER C 64 -13.04 -20.27 -16.34
CA SER C 64 -14.35 -19.64 -16.30
C SER C 64 -15.30 -20.29 -17.30
N ASP C 65 -16.56 -20.47 -16.88
CA ASP C 65 -17.60 -20.98 -17.77
C ASP C 65 -18.24 -19.89 -18.61
N ASN C 66 -18.22 -18.65 -18.11
CA ASN C 66 -18.74 -17.51 -18.87
C ASN C 66 -17.81 -17.22 -20.04
N LYS C 67 -18.25 -17.52 -21.26
CA LYS C 67 -17.45 -17.28 -22.45
C LYS C 67 -17.91 -16.05 -23.25
N SER C 68 -18.73 -15.20 -22.64
CA SER C 68 -19.32 -14.05 -23.33
C SER C 68 -18.27 -13.14 -23.97
N GLN C 69 -18.63 -12.55 -25.11
CA GLN C 69 -17.72 -11.66 -25.82
C GLN C 69 -17.39 -10.42 -24.99
N LEU C 70 -18.40 -9.83 -24.34
CA LEU C 70 -18.13 -8.66 -23.51
C LEU C 70 -17.25 -9.01 -22.32
N VAL C 71 -17.49 -10.16 -21.68
CA VAL C 71 -16.62 -10.59 -20.58
C VAL C 71 -15.19 -10.80 -21.09
N GLN C 72 -15.04 -11.36 -22.29
CA GLN C 72 -13.70 -11.56 -22.83
C GLN C 72 -13.00 -10.22 -23.07
N LYS C 73 -13.75 -9.24 -23.56
CA LYS C 73 -13.19 -7.92 -23.86
C LYS C 73 -12.74 -7.23 -22.57
N VAL C 74 -13.58 -7.26 -21.54
CA VAL C 74 -13.20 -6.63 -20.28
C VAL C 74 -12.03 -7.37 -19.65
N ARG C 75 -12.03 -8.71 -19.70
CA ARG C 75 -10.90 -9.47 -19.17
C ARG C 75 -9.58 -9.03 -19.79
N SER C 76 -9.58 -8.76 -21.10
CA SER C 76 -8.38 -8.30 -21.79
C SER C 76 -8.01 -6.88 -21.42
N LYS C 77 -8.92 -6.13 -20.79
CA LYS C 77 -8.61 -4.79 -20.32
C LYS C 77 -8.11 -4.75 -18.88
N ILE C 78 -8.31 -5.82 -18.09
CA ILE C 78 -7.88 -5.82 -16.70
C ILE C 78 -6.37 -5.58 -16.61
N GLY C 79 -5.59 -6.33 -17.39
CA GLY C 79 -4.15 -6.08 -17.46
C GLY C 79 -3.50 -6.17 -16.09
N CYS C 80 -2.73 -5.13 -15.74
CA CYS C 80 -2.05 -5.10 -14.44
C CYS C 80 -2.99 -4.93 -13.25
N GLY C 81 -4.27 -4.64 -13.47
CA GLY C 81 -5.28 -4.71 -12.42
C GLY C 81 -5.15 -3.67 -11.33
N ILE C 82 -5.32 -4.11 -10.08
CA ILE C 82 -5.33 -3.22 -8.94
C ILE C 82 -4.38 -3.76 -7.89
N GLN C 83 -4.07 -2.93 -6.90
CA GLN C 83 -3.30 -3.39 -5.75
C GLN C 83 -4.05 -2.97 -4.50
N LEU C 84 -4.18 -3.89 -3.54
CA LEU C 84 -4.75 -3.59 -2.22
C LEU C 84 -3.61 -3.65 -1.21
N THR C 85 -3.49 -2.62 -0.39
CA THR C 85 -2.36 -2.53 0.53
C THR C 85 -2.83 -1.97 1.86
N ARG C 86 -2.45 -2.65 2.94
CA ARG C 86 -2.67 -2.12 4.27
C ARG C 86 -1.67 -1.01 4.57
N GLU C 87 -2.18 0.14 5.00
CA GLU C 87 -1.37 1.30 5.37
C GLU C 87 -1.73 1.69 6.80
N VAL C 88 -1.02 2.69 7.33
CA VAL C 88 -1.30 3.11 8.70
C VAL C 88 -2.74 3.59 8.84
N ASP C 89 -3.30 4.23 7.80
CA ASP C 89 -4.61 4.83 7.96
C ASP C 89 -5.77 3.99 7.37
N GLY C 90 -5.53 2.72 7.01
CA GLY C 90 -6.55 1.86 6.44
C GLY C 90 -6.03 1.11 5.23
N VAL C 91 -6.95 0.53 4.44
CA VAL C 91 -6.58 -0.25 3.27
C VAL C 91 -6.82 0.57 2.01
N TRP C 92 -5.81 0.68 1.18
CA TRP C 92 -5.89 1.46 -0.05
C TRP C 92 -5.98 0.56 -1.27
N VAL C 93 -6.79 0.98 -2.24
CA VAL C 93 -6.85 0.35 -3.56
C VAL C 93 -6.18 1.30 -4.55
N TYR C 94 -5.19 0.80 -5.26
CA TYR C 94 -4.49 1.55 -6.29
C TYR C 94 -4.80 0.96 -7.65
N ASN C 95 -5.22 1.79 -8.61
CA ASN C 95 -5.55 1.33 -9.95
C ASN C 95 -4.30 1.35 -10.82
N ARG C 96 -3.70 0.17 -11.02
CA ARG C 96 -2.53 -0.01 -11.89
C ARG C 96 -2.90 -0.26 -13.34
N SER C 97 -4.17 -0.33 -13.67
CA SER C 97 -4.56 -0.75 -15.01
C SER C 97 -4.77 0.47 -15.89
N SER C 98 -5.09 0.22 -17.16
CA SER C 98 -5.29 1.30 -18.12
C SER C 98 -6.75 1.70 -18.27
N TYR C 99 -7.63 1.25 -17.36
CA TYR C 99 -9.05 1.59 -17.42
C TYR C 99 -9.55 1.93 -16.03
N PRO C 100 -10.61 2.73 -15.92
CA PRO C 100 -11.18 3.04 -14.60
C PRO C 100 -11.72 1.78 -13.92
N ILE C 101 -11.69 1.81 -12.60
CA ILE C 101 -12.38 0.81 -11.79
C ILE C 101 -13.44 1.56 -11.00
N PHE C 102 -14.42 0.81 -10.47
CA PHE C 102 -15.53 1.40 -9.75
C PHE C 102 -15.68 0.66 -8.44
N ILE C 103 -15.88 1.39 -7.36
CA ILE C 103 -15.82 0.80 -6.01
C ILE C 103 -17.00 1.30 -5.17
N LYS C 104 -17.62 0.38 -4.44
CA LYS C 104 -18.60 0.70 -3.41
C LYS C 104 -18.07 0.21 -2.07
N SER C 105 -17.95 1.10 -1.11
CA SER C 105 -17.50 0.73 0.22
C SER C 105 -18.22 1.58 1.26
N ALA C 106 -18.74 0.92 2.29
CA ALA C 106 -19.53 1.63 3.28
C ALA C 106 -18.71 2.71 3.98
N THR C 107 -17.40 2.52 4.17
CA THR C 107 -16.63 3.52 4.90
C THR C 107 -16.27 4.73 4.04
N LEU C 108 -16.61 4.72 2.75
CA LEU C 108 -16.33 5.88 1.89
C LEU C 108 -17.45 6.92 1.91
N ASP C 109 -18.59 6.63 2.53
CA ASP C 109 -19.78 7.45 2.37
C ASP C 109 -20.18 8.08 3.70
N ASN C 110 -20.90 9.19 3.60
CA ASN C 110 -21.48 9.83 4.78
C ASN C 110 -22.37 8.85 5.50
N PRO C 111 -22.15 8.57 6.78
CA PRO C 111 -22.97 7.56 7.48
C PRO C 111 -24.45 7.90 7.55
N ASP C 112 -24.85 9.12 7.21
CA ASP C 112 -26.25 9.51 7.29
C ASP C 112 -26.99 9.39 5.96
N SER C 113 -26.33 8.93 4.91
CA SER C 113 -26.98 8.88 3.60
C SER C 113 -27.97 7.74 3.52
N ARG C 114 -28.82 7.79 2.51
CA ARG C 114 -29.85 6.76 2.36
C ARG C 114 -29.34 5.54 1.60
N THR C 115 -28.36 5.70 0.71
CA THR C 115 -27.84 4.58 -0.07
C THR C 115 -26.37 4.81 -0.34
N LEU C 116 -25.62 3.72 -0.47
CA LEU C 116 -24.19 3.82 -0.79
C LEU C 116 -23.99 4.16 -2.26
N LEU C 117 -22.95 4.94 -2.53
CA LEU C 117 -22.60 5.36 -3.87
C LEU C 117 -21.49 4.48 -4.45
N VAL C 118 -21.37 4.50 -5.77
CA VAL C 118 -20.28 3.85 -6.49
C VAL C 118 -19.29 4.93 -6.88
N HIS C 119 -18.01 4.73 -6.56
CA HIS C 119 -16.98 5.74 -6.80
C HIS C 119 -16.04 5.33 -7.92
N LYS C 120 -15.72 6.26 -8.81
CA LYS C 120 -14.89 5.95 -9.96
C LYS C 120 -13.43 6.27 -9.64
N VAL C 121 -12.52 5.34 -9.94
CA VAL C 121 -11.10 5.53 -9.64
C VAL C 121 -10.36 5.43 -10.96
N PHE C 122 -9.85 6.57 -11.44
CA PHE C 122 -9.14 6.62 -12.70
C PHE C 122 -7.83 5.83 -12.65
N PRO C 123 -7.33 5.41 -13.80
CA PRO C 123 -5.99 4.80 -13.86
C PRO C 123 -4.95 5.69 -13.17
N GLY C 124 -4.18 5.06 -12.27
CA GLY C 124 -3.13 5.75 -11.55
C GLY C 124 -3.57 6.40 -10.27
N PHE C 125 -4.88 6.50 -10.03
CA PHE C 125 -5.41 7.08 -8.82
C PHE C 125 -5.63 5.98 -7.77
N SER C 126 -5.79 6.40 -6.53
CA SER C 126 -5.99 5.50 -5.40
C SER C 126 -7.14 6.01 -4.54
N ILE C 127 -7.69 5.10 -3.73
CA ILE C 127 -8.79 5.47 -2.85
C ILE C 127 -8.71 4.59 -1.62
N LYS C 128 -9.20 5.09 -0.50
CA LYS C 128 -9.15 4.28 0.72
C LYS C 128 -10.35 3.35 0.72
N ALA C 129 -10.11 2.09 0.35
CA ALA C 129 -11.20 1.13 0.25
C ALA C 129 -11.83 0.84 1.61
N PHE C 130 -11.04 0.85 2.67
CA PHE C 130 -11.59 0.42 3.95
C PHE C 130 -10.92 1.17 5.09
N ASP C 131 -11.73 1.66 6.02
CA ASP C 131 -11.25 2.38 7.20
C ASP C 131 -11.70 1.61 8.43
N TYR C 132 -10.75 1.07 9.19
CA TYR C 132 -11.10 0.18 10.30
C TYR C 132 -11.90 0.90 11.39
N GLU C 133 -11.46 2.10 11.76
CA GLU C 133 -12.13 2.83 12.83
C GLU C 133 -13.56 3.18 12.42
N LYS C 134 -13.75 3.68 11.21
CA LYS C 134 -15.09 4.01 10.76
C LYS C 134 -15.97 2.76 10.68
N ALA C 135 -15.39 1.64 10.25
CA ALA C 135 -16.17 0.41 10.13
C ALA C 135 -16.57 -0.14 11.49
N TYR C 136 -15.69 0.02 12.49
CA TYR C 136 -15.96 -0.51 13.82
C TYR C 136 -17.24 0.07 14.41
N SER C 137 -17.50 1.36 14.18
CA SER C 137 -18.61 2.06 14.82
C SER C 137 -19.70 2.44 13.85
N LEU C 138 -19.72 1.86 12.65
CA LEU C 138 -20.55 2.40 11.57
C LEU C 138 -22.02 2.03 11.80
N GLN C 139 -22.86 3.05 11.82
CA GLN C 139 -24.31 2.86 11.74
C GLN C 139 -24.82 3.73 10.61
N ARG C 140 -25.71 3.17 9.79
CA ARG C 140 -26.34 3.89 8.69
C ARG C 140 -27.85 3.86 8.97
N PRO C 141 -28.33 4.69 9.90
CA PRO C 141 -29.74 4.58 10.34
C PRO C 141 -30.76 4.91 9.27
N ASN C 142 -30.40 5.68 8.24
CA ASN C 142 -31.31 6.03 7.16
C ASN C 142 -31.25 5.07 5.99
N ASP C 143 -30.45 4.01 6.09
CA ASP C 143 -30.24 3.05 5.01
C ASP C 143 -30.86 1.72 5.46
N HIS C 144 -32.11 1.48 5.05
CA HIS C 144 -32.83 0.31 5.54
C HIS C 144 -32.17 -0.99 5.10
N GLU C 145 -31.80 -1.07 3.82
CA GLU C 145 -31.11 -2.24 3.31
C GLU C 145 -29.83 -2.53 4.10
N PHE C 146 -29.07 -1.48 4.43
CA PHE C 146 -27.87 -1.66 5.22
C PHE C 146 -28.16 -2.28 6.58
N MET C 147 -29.20 -1.78 7.27
CA MET C 147 -29.50 -2.31 8.61
C MET C 147 -29.95 -3.76 8.55
N GLN C 148 -30.62 -4.16 7.48
CA GLN C 148 -31.02 -5.54 7.34
C GLN C 148 -29.90 -6.44 6.87
N GLN C 149 -28.85 -5.86 6.28
CA GLN C 149 -27.74 -6.63 5.72
C GLN C 149 -26.42 -6.02 6.20
N PRO C 150 -26.15 -6.08 7.51
CA PRO C 150 -25.02 -5.30 8.06
C PRO C 150 -23.65 -5.81 7.64
N TRP C 151 -23.56 -7.00 7.02
CA TRP C 151 -22.28 -7.44 6.45
C TRP C 151 -21.82 -6.53 5.33
N THR C 152 -22.72 -5.74 4.74
CA THR C 152 -22.32 -4.69 3.80
C THR C 152 -21.26 -3.77 4.40
N GLY C 153 -21.22 -3.65 5.73
CA GLY C 153 -20.26 -2.79 6.36
C GLY C 153 -18.81 -3.19 6.15
N PHE C 154 -18.55 -4.48 5.91
N PHE C 154 -18.57 -4.49 5.90
CA PHE C 154 -17.16 -4.91 5.72
CA PHE C 154 -17.24 -5.05 5.79
C PHE C 154 -16.92 -5.61 4.39
C PHE C 154 -16.94 -5.64 4.42
N THR C 155 -17.86 -5.50 3.45
CA THR C 155 -17.70 -6.11 2.13
C THR C 155 -17.62 -4.98 1.11
N VAL C 156 -16.52 -4.93 0.37
CA VAL C 156 -16.31 -3.93 -0.67
C VAL C 156 -16.48 -4.58 -2.03
N GLN C 157 -17.13 -3.87 -2.96
CA GLN C 157 -17.33 -4.37 -4.31
C GLN C 157 -16.54 -3.51 -5.28
N ILE C 158 -15.85 -4.15 -6.23
CA ILE C 158 -15.02 -3.45 -7.21
C ILE C 158 -15.32 -4.03 -8.59
N SER C 159 -15.62 -3.15 -9.56
CA SER C 159 -15.84 -3.57 -10.93
C SER C 159 -14.77 -2.96 -11.83
N PHE C 160 -14.25 -3.76 -12.76
CA PHE C 160 -13.29 -3.29 -13.77
C PHE C 160 -14.06 -2.74 -14.98
N VAL C 161 -13.68 -1.53 -15.41
CA VAL C 161 -14.09 -0.97 -16.71
C VAL C 161 -15.53 -0.46 -16.69
N LYS C 162 -16.48 -1.25 -16.18
CA LYS C 162 -17.90 -0.89 -16.21
C LYS C 162 -18.38 -0.46 -14.83
N GLY C 163 -19.09 0.69 -14.78
CA GLY C 163 -19.75 1.09 -13.55
C GLY C 163 -21.13 0.46 -13.40
N TRP C 164 -21.73 0.67 -12.23
CA TRP C 164 -23.09 0.21 -11.98
C TRP C 164 -23.78 1.18 -11.02
N GLY C 165 -25.10 1.01 -10.89
CA GLY C 165 -25.90 1.84 -10.01
C GLY C 165 -26.45 3.05 -10.74
N GLN C 166 -26.91 4.03 -9.95
CA GLN C 166 -27.42 5.28 -10.50
C GLN C 166 -26.44 5.88 -11.50
N CYS C 167 -26.97 6.48 -12.57
CA CYS C 167 -26.26 7.02 -13.74
C CYS C 167 -25.39 5.99 -14.47
N TYR C 168 -25.70 4.69 -14.42
CA TYR C 168 -25.08 3.72 -15.32
C TYR C 168 -26.16 2.82 -15.90
N THR C 169 -25.82 2.15 -17.01
CA THR C 169 -26.75 1.23 -17.66
C THR C 169 -27.12 0.09 -16.72
N ARG C 170 -26.14 -0.48 -16.04
CA ARG C 170 -26.34 -1.64 -15.17
C ARG C 170 -26.75 -1.15 -13.79
N GLN C 171 -27.92 -1.58 -13.33
CA GLN C 171 -28.37 -1.17 -12.01
C GLN C 171 -27.68 -1.94 -10.90
N PHE C 172 -27.30 -3.19 -11.15
CA PHE C 172 -26.76 -4.07 -10.12
C PHE C 172 -25.36 -4.54 -10.50
N ILE C 173 -24.53 -4.76 -9.48
CA ILE C 173 -23.16 -5.19 -9.72
C ILE C 173 -23.11 -6.54 -10.43
N SER C 174 -24.10 -7.42 -10.18
CA SER C 174 -24.06 -8.74 -10.80
C SER C 174 -24.32 -8.71 -12.29
N SER C 175 -24.59 -7.54 -12.87
CA SER C 175 -24.60 -7.39 -14.32
C SER C 175 -23.25 -6.96 -14.87
N CYS C 176 -22.26 -6.68 -14.02
CA CYS C 176 -20.98 -6.24 -14.55
C CYS C 176 -20.16 -7.42 -15.06
N PRO C 177 -19.39 -7.22 -16.13
CA PRO C 177 -18.63 -8.34 -16.74
C PRO C 177 -17.58 -8.96 -15.84
N CYS C 178 -16.82 -8.16 -15.09
CA CYS C 178 -15.71 -8.65 -14.26
C CYS C 178 -15.67 -7.82 -13.00
N TRP C 179 -15.89 -8.44 -11.84
CA TRP C 179 -15.89 -7.67 -10.62
C TRP C 179 -15.41 -8.53 -9.46
N LEU C 180 -15.17 -7.87 -8.32
CA LEU C 180 -14.58 -8.48 -7.12
C LEU C 180 -15.45 -8.19 -5.92
N GLU C 181 -15.55 -9.19 -5.04
CA GLU C 181 -16.08 -9.04 -3.70
C GLU C 181 -14.90 -9.12 -2.74
N VAL C 182 -14.67 -8.07 -1.94
CA VAL C 182 -13.58 -8.10 -0.96
C VAL C 182 -14.19 -8.02 0.44
N ILE C 183 -13.96 -9.08 1.22
CA ILE C 183 -14.50 -9.20 2.57
C ILE C 183 -13.38 -8.91 3.55
N PHE C 184 -13.53 -7.86 4.36
CA PHE C 184 -12.47 -7.44 5.26
C PHE C 184 -12.65 -8.01 6.66
N ASN C 185 -11.56 -8.49 7.22
CA ASN C 185 -11.49 -8.83 8.63
C ASN C 185 -11.57 -7.56 9.46
N SER C 186 -11.91 -7.75 10.74
N SER C 186 -11.89 -7.74 10.75
CA SER C 186 -12.06 -6.63 11.66
CA SER C 186 -12.05 -6.59 11.63
C SER C 186 -10.69 -6.13 12.10
C SER C 186 -10.72 -6.12 12.19
N ARG C 187 -9.83 -7.05 12.49
CA ARG C 187 -8.43 -6.75 12.78
C ARG C 187 -8.12 -5.66 13.80
N SER D 8 -16.36 16.23 -4.66
CA SER D 8 -17.05 15.08 -4.08
C SER D 8 -16.25 13.80 -4.24
N ASP D 9 -16.01 13.38 -5.48
CA ASP D 9 -15.22 12.17 -5.64
C ASP D 9 -13.73 12.48 -5.80
N SER D 10 -13.40 13.55 -6.54
CA SER D 10 -12.02 13.99 -6.58
C SER D 10 -11.47 14.30 -5.19
N GLN D 11 -12.32 14.72 -4.23
CA GLN D 11 -11.84 14.86 -2.85
C GLN D 11 -11.48 13.52 -2.22
N LEU D 12 -12.08 12.43 -2.67
CA LEU D 12 -11.78 11.13 -2.09
C LEU D 12 -10.52 10.52 -2.71
N LEU D 13 -10.18 10.92 -3.92
CA LEU D 13 -9.13 10.23 -4.66
C LEU D 13 -7.76 10.77 -4.30
N LEU D 14 -6.80 9.88 -4.27
CA LEU D 14 -5.39 10.24 -4.16
C LEU D 14 -4.81 10.26 -5.55
N GLU D 15 -4.28 11.42 -5.95
CA GLU D 15 -3.70 11.60 -7.26
C GLU D 15 -2.44 10.76 -7.39
N PRO D 16 -2.04 10.44 -8.61
CA PRO D 16 -0.70 9.86 -8.82
C PRO D 16 0.39 10.88 -8.49
N GLY D 17 1.63 10.38 -8.46
CA GLY D 17 2.77 11.24 -8.28
C GLY D 17 3.04 12.07 -9.53
N ASP D 18 4.13 12.84 -9.49
CA ASP D 18 4.42 13.72 -10.61
C ASP D 18 5.91 13.99 -10.71
N ARG D 19 6.27 14.65 -11.82
CA ARG D 19 7.63 15.06 -12.11
C ARG D 19 7.80 16.57 -11.98
N SER D 20 6.83 17.26 -11.41
CA SER D 20 6.79 18.71 -11.51
C SER D 20 7.23 19.42 -10.23
N HIS D 21 7.61 18.70 -9.19
CA HIS D 21 8.21 19.35 -8.03
C HIS D 21 9.66 19.65 -8.35
N TRP D 22 10.07 20.93 -8.26
CA TRP D 22 11.37 21.28 -8.81
C TRP D 22 12.52 21.10 -7.82
N CYS D 23 12.22 20.93 -6.53
CA CYS D 23 13.27 20.52 -5.60
C CYS D 23 12.63 19.85 -4.38
N VAL D 24 13.49 19.19 -3.62
CA VAL D 24 13.11 18.45 -2.43
C VAL D 24 14.09 18.83 -1.33
N VAL D 25 13.57 19.18 -0.17
CA VAL D 25 14.37 19.76 0.92
C VAL D 25 14.35 18.82 2.11
N ALA D 26 15.53 18.51 2.64
CA ALA D 26 15.68 17.76 3.88
C ALA D 26 16.37 18.63 4.92
N TYR D 27 15.85 18.65 6.13
CA TYR D 27 16.46 19.41 7.23
C TYR D 27 17.19 18.44 8.15
N TRP D 28 18.41 18.81 8.55
CA TRP D 28 19.28 17.99 9.36
C TRP D 28 19.78 18.77 10.57
N GLU D 29 19.98 18.05 11.67
CA GLU D 29 20.68 18.58 12.84
C GLU D 29 21.81 17.61 13.17
N GLU D 30 23.04 18.03 12.87
CA GLU D 30 24.20 17.15 12.94
C GLU D 30 23.96 15.90 12.07
N LYS D 31 23.91 14.69 12.64
CA LYS D 31 23.77 13.49 11.82
C LYS D 31 22.33 12.97 11.77
N THR D 32 21.37 13.75 12.24
CA THR D 32 19.99 13.30 12.39
C THR D 32 19.10 14.07 11.41
N ARG D 33 18.36 13.34 10.58
CA ARG D 33 17.42 14.01 9.69
C ARG D 33 16.16 14.30 10.51
N VAL D 34 15.65 15.52 10.42
CA VAL D 34 14.59 15.98 11.28
C VAL D 34 13.35 16.25 10.44
N GLY D 35 12.29 15.49 10.68
CA GLY D 35 11.03 15.73 10.02
C GLY D 35 10.96 15.15 8.62
N ARG D 36 9.82 15.37 7.99
CA ARG D 36 9.59 14.86 6.65
C ARG D 36 10.32 15.72 5.64
N LEU D 37 10.62 15.13 4.47
CA LEU D 37 11.07 15.91 3.33
C LEU D 37 9.98 16.88 2.89
N TYR D 38 10.41 18.02 2.36
CA TYR D 38 9.51 19.05 1.85
C TYR D 38 9.68 19.11 0.33
N CYS D 39 8.64 18.73 -0.41
CA CYS D 39 8.69 18.70 -1.87
C CYS D 39 8.05 19.98 -2.41
N VAL D 40 8.80 20.74 -3.20
CA VAL D 40 8.42 22.12 -3.51
C VAL D 40 7.79 22.18 -4.90
N GLN D 41 6.60 22.78 -5.00
CA GLN D 41 5.90 22.98 -6.27
C GLN D 41 5.91 24.43 -6.74
N GLU D 42 5.55 25.36 -5.86
CA GLU D 42 5.50 26.77 -6.25
C GLU D 42 6.91 27.35 -6.38
N PRO D 43 7.05 28.45 -7.13
CA PRO D 43 8.39 28.89 -7.51
C PRO D 43 9.21 29.49 -6.38
N SER D 44 8.71 29.58 -5.16
CA SER D 44 9.45 30.21 -4.08
C SER D 44 9.16 29.49 -2.77
N LEU D 45 10.20 29.37 -1.92
CA LEU D 45 10.03 28.72 -0.62
C LEU D 45 10.81 29.47 0.45
N ASP D 46 10.12 29.92 1.49
CA ASP D 46 10.77 30.42 2.69
C ASP D 46 11.09 29.25 3.62
N ILE D 47 12.31 29.22 4.14
CA ILE D 47 12.75 28.20 5.10
C ILE D 47 13.21 28.94 6.35
N PHE D 48 12.53 28.70 7.46
CA PHE D 48 12.70 29.58 8.60
C PHE D 48 12.52 28.81 9.90
N TYR D 49 12.96 29.42 10.99
CA TYR D 49 12.74 28.88 12.32
C TYR D 49 11.63 29.65 13.04
N ASP D 50 11.76 30.97 13.10
CA ASP D 50 10.82 31.83 13.83
C ASP D 50 10.47 32.99 12.90
N LEU D 51 9.32 32.89 12.26
CA LEU D 51 8.88 33.91 11.30
C LEU D 51 7.38 33.98 11.46
N PRO D 52 6.87 34.96 12.21
CA PRO D 52 5.43 35.00 12.49
C PRO D 52 4.63 35.03 11.20
N GLN D 53 3.48 34.35 11.23
CA GLN D 53 2.66 34.17 10.04
C GLN D 53 3.51 33.61 8.91
N GLY D 54 4.43 32.73 9.25
CA GLY D 54 5.29 32.14 8.25
C GLY D 54 4.53 31.14 7.40
N ASN D 55 4.81 31.19 6.10
CA ASN D 55 4.22 30.31 5.10
C ASN D 55 5.38 29.68 4.34
N GLY D 56 5.61 28.40 4.53
CA GLY D 56 6.75 27.75 3.90
C GLY D 56 7.16 26.53 4.72
N PHE D 57 8.47 26.32 4.81
CA PHE D 57 9.06 25.17 5.52
C PHE D 57 9.53 25.67 6.87
N CYS D 58 8.72 25.45 7.92
CA CYS D 58 9.09 25.85 9.27
C CYS D 58 9.93 24.75 9.90
N LEU D 59 11.19 25.08 10.23
CA LEU D 59 12.06 24.16 10.94
C LEU D 59 11.84 24.20 12.45
N GLY D 60 11.10 25.18 12.94
CA GLY D 60 10.93 25.37 14.37
C GLY D 60 9.96 24.39 14.99
N GLN D 61 8.87 24.11 14.28
CA GLN D 61 7.92 23.10 14.70
C GLN D 61 8.34 21.70 14.29
N LEU D 62 9.43 21.58 13.53
CA LEU D 62 10.05 20.29 13.26
C LEU D 62 10.65 19.78 14.56
N ASN D 63 9.96 18.82 15.20
CA ASN D 63 10.35 18.35 16.52
C ASN D 63 11.52 17.39 16.39
N SER D 64 12.53 17.57 17.24
CA SER D 64 13.84 17.00 16.99
C SER D 64 14.31 16.10 18.14
N ASP D 65 15.11 15.10 17.74
CA ASP D 65 15.86 14.18 18.59
C ASP D 65 17.18 14.80 19.07
N ASN D 66 17.40 16.09 18.81
CA ASN D 66 18.64 16.80 19.14
C ASN D 66 18.37 17.80 20.26
N LYS D 67 18.87 17.51 21.46
CA LYS D 67 18.69 18.35 22.63
C LYS D 67 19.98 19.04 23.06
N SER D 68 20.92 19.23 22.14
CA SER D 68 22.17 19.86 22.51
C SER D 68 22.00 21.37 22.63
N GLN D 69 22.92 21.99 23.38
CA GLN D 69 22.87 23.43 23.58
C GLN D 69 23.29 24.19 22.32
N LEU D 70 24.31 23.70 21.62
CA LEU D 70 24.74 24.38 20.40
C LEU D 70 23.62 24.41 19.37
N VAL D 71 22.89 23.31 19.24
CA VAL D 71 21.79 23.25 18.28
C VAL D 71 20.70 24.25 18.66
N GLN D 72 20.36 24.32 19.95
CA GLN D 72 19.33 25.24 20.40
C GLN D 72 19.72 26.69 20.07
N LYS D 73 20.98 27.05 20.31
CA LYS D 73 21.42 28.42 20.04
C LYS D 73 21.44 28.73 18.55
N VAL D 74 21.89 27.78 17.71
CA VAL D 74 21.90 28.05 16.28
C VAL D 74 20.48 28.14 15.75
N ARG D 75 19.59 27.26 16.24
CA ARG D 75 18.20 27.30 15.80
C ARG D 75 17.61 28.68 16.01
N SER D 76 17.84 29.28 17.19
CA SER D 76 17.28 30.59 17.47
C SER D 76 17.93 31.68 16.62
N LYS D 77 19.15 31.45 16.13
CA LYS D 77 19.79 32.40 15.24
C LYS D 77 19.27 32.31 13.80
N ILE D 78 18.66 31.19 13.40
CA ILE D 78 18.14 31.10 12.03
C ILE D 78 17.14 32.21 11.77
N GLY D 79 16.26 32.45 12.73
CA GLY D 79 15.33 33.58 12.65
C GLY D 79 14.44 33.49 11.42
N CYS D 80 14.40 34.57 10.64
CA CYS D 80 13.63 34.58 9.41
C CYS D 80 14.23 33.69 8.33
N GLY D 81 15.45 33.19 8.51
CA GLY D 81 15.98 32.14 7.65
C GLY D 81 16.37 32.54 6.24
N ILE D 82 15.99 31.73 5.25
CA ILE D 82 16.41 31.92 3.87
C ILE D 82 15.21 31.76 2.94
N GLN D 83 15.41 32.13 1.68
CA GLN D 83 14.42 31.92 0.63
C GLN D 83 15.07 31.29 -0.58
N LEU D 84 14.44 30.24 -1.12
CA LEU D 84 14.82 29.57 -2.36
C LEU D 84 13.82 30.00 -3.42
N THR D 85 14.29 30.59 -4.52
CA THR D 85 13.37 31.11 -5.52
C THR D 85 13.87 30.79 -6.91
N ARG D 86 12.98 30.22 -7.72
CA ARG D 86 13.29 30.05 -9.14
C ARG D 86 13.17 31.39 -9.85
N GLU D 87 14.19 31.73 -10.61
CA GLU D 87 14.19 32.91 -11.46
C GLU D 87 14.49 32.47 -12.88
N VAL D 88 14.44 33.43 -13.82
CA VAL D 88 14.62 33.07 -15.22
C VAL D 88 16.00 32.46 -15.46
N ASP D 89 16.99 32.80 -14.63
CA ASP D 89 18.37 32.39 -14.88
C ASP D 89 18.86 31.32 -13.91
N GLY D 90 17.97 30.69 -13.14
CA GLY D 90 18.37 29.64 -12.23
C GLY D 90 17.72 29.84 -10.88
N VAL D 91 18.14 29.04 -9.90
CA VAL D 91 17.58 29.07 -8.56
C VAL D 91 18.50 29.88 -7.65
N TRP D 92 17.91 30.85 -6.95
CA TRP D 92 18.66 31.72 -6.06
C TRP D 92 18.36 31.39 -4.61
N VAL D 93 19.37 31.53 -3.77
CA VAL D 93 19.23 31.46 -2.33
C VAL D 93 19.50 32.84 -1.77
N TYR D 94 18.55 33.34 -0.98
CA TYR D 94 18.66 34.68 -0.40
C TYR D 94 18.72 34.53 1.11
N ASN D 95 19.70 35.16 1.73
CA ASN D 95 19.89 35.02 3.18
C ASN D 95 19.14 36.16 3.88
N ARG D 96 17.97 35.85 4.41
CA ARG D 96 17.14 36.81 5.11
C ARG D 96 17.49 36.90 6.59
N SER D 97 18.45 36.10 7.07
CA SER D 97 18.72 36.07 8.49
C SER D 97 19.79 37.10 8.88
N SER D 98 20.09 37.17 10.17
CA SER D 98 21.09 38.10 10.69
C SER D 98 22.48 37.47 10.78
N TYR D 99 22.64 36.25 10.31
CA TYR D 99 23.91 35.53 10.39
C TYR D 99 24.26 34.92 9.05
N PRO D 100 25.54 34.69 8.79
CA PRO D 100 25.93 34.09 7.51
C PRO D 100 25.36 32.69 7.36
N ILE D 101 25.19 32.28 6.10
CA ILE D 101 24.95 30.89 5.75
C ILE D 101 26.06 30.46 4.81
N PHE D 102 26.22 29.13 4.69
CA PHE D 102 27.30 28.54 3.93
C PHE D 102 26.71 27.54 2.94
N ILE D 103 27.21 27.56 1.71
CA ILE D 103 26.56 26.80 0.65
C ILE D 103 27.62 26.12 -0.19
N LYS D 104 27.38 24.84 -0.50
CA LYS D 104 28.19 24.11 -1.48
C LYS D 104 27.28 23.69 -2.63
N SER D 105 27.66 24.04 -3.84
CA SER D 105 26.90 23.66 -5.02
C SER D 105 27.86 23.41 -6.15
N ALA D 106 27.65 22.30 -6.86
CA ALA D 106 28.52 21.95 -7.98
C ALA D 106 28.49 23.01 -9.08
N THR D 107 27.36 23.68 -9.27
CA THR D 107 27.31 24.63 -10.38
C THR D 107 27.89 26.00 -10.02
N LEU D 108 28.39 26.17 -8.79
CA LEU D 108 29.03 27.42 -8.40
C LEU D 108 30.53 27.43 -8.66
N ASP D 109 31.12 26.30 -9.01
CA ASP D 109 32.57 26.16 -9.03
C ASP D 109 33.08 25.90 -10.44
N ASN D 110 34.38 26.16 -10.61
CA ASN D 110 35.11 25.82 -11.82
C ASN D 110 35.04 24.31 -12.05
N PRO D 111 34.54 23.85 -13.19
CA PRO D 111 34.42 22.40 -13.41
C PRO D 111 35.74 21.66 -13.43
N ASP D 112 36.87 22.36 -13.51
CA ASP D 112 38.18 21.71 -13.57
C ASP D 112 38.83 21.51 -12.20
N SER D 113 38.25 22.08 -11.13
CA SER D 113 38.87 21.97 -9.82
C SER D 113 38.84 20.54 -9.30
N ARG D 114 39.67 20.29 -8.29
CA ARG D 114 39.73 18.97 -7.69
C ARG D 114 38.62 18.75 -6.66
N THR D 115 38.11 19.83 -6.06
CA THR D 115 37.12 19.64 -5.00
C THR D 115 36.25 20.89 -4.89
N LEU D 116 34.99 20.69 -4.51
CA LEU D 116 34.05 21.80 -4.43
C LEU D 116 34.32 22.62 -3.17
N LEU D 117 34.08 23.93 -3.29
CA LEU D 117 34.30 24.88 -2.20
C LEU D 117 32.99 25.15 -1.45
N VAL D 118 33.14 25.63 -0.21
CA VAL D 118 32.02 26.11 0.59
C VAL D 118 32.01 27.63 0.52
N HIS D 119 30.90 28.21 0.06
CA HIS D 119 30.79 29.65 -0.15
C HIS D 119 30.03 30.32 0.99
N LYS D 120 30.57 31.43 1.49
CA LYS D 120 29.91 32.16 2.56
C LYS D 120 29.00 33.24 1.98
N VAL D 121 27.76 33.31 2.46
CA VAL D 121 26.74 34.24 1.99
C VAL D 121 26.34 35.11 3.16
N PHE D 122 26.70 36.38 3.12
CA PHE D 122 26.46 37.26 4.26
C PHE D 122 24.99 37.64 4.38
N PRO D 123 24.56 38.09 5.55
CA PRO D 123 23.16 38.55 5.69
C PRO D 123 22.80 39.57 4.63
N GLY D 124 21.66 39.33 3.97
CA GLY D 124 21.17 40.22 2.92
C GLY D 124 21.67 39.89 1.53
N PHE D 125 22.69 39.05 1.41
CA PHE D 125 23.23 38.67 0.11
C PHE D 125 22.49 37.45 -0.43
N SER D 126 22.62 37.27 -1.75
CA SER D 126 22.04 36.14 -2.47
C SER D 126 23.12 35.50 -3.34
N ILE D 127 22.90 34.23 -3.70
CA ILE D 127 23.81 33.52 -4.58
C ILE D 127 22.97 32.57 -5.44
N LYS D 128 23.45 32.30 -6.65
CA LYS D 128 22.74 31.36 -7.52
C LYS D 128 23.11 29.94 -7.13
N ALA D 129 22.25 29.30 -6.36
CA ALA D 129 22.54 27.97 -5.84
C ALA D 129 22.49 26.90 -6.93
N PHE D 130 21.73 27.12 -7.99
CA PHE D 130 21.62 26.07 -9.00
C PHE D 130 21.40 26.66 -10.39
N ASP D 131 22.21 26.20 -11.33
CA ASP D 131 22.13 26.61 -12.73
C ASP D 131 21.82 25.37 -13.56
N TYR D 132 20.64 25.37 -14.20
CA TYR D 132 20.15 24.17 -14.88
C TYR D 132 21.02 23.78 -16.06
N GLU D 133 21.36 24.75 -16.91
CA GLU D 133 22.13 24.44 -18.10
C GLU D 133 23.50 23.90 -17.72
N LYS D 134 24.14 24.51 -16.74
CA LYS D 134 25.45 24.05 -16.29
C LYS D 134 25.38 22.66 -15.67
N ALA D 135 24.32 22.39 -14.90
CA ALA D 135 24.21 21.07 -14.28
C ALA D 135 23.94 19.99 -15.29
N TYR D 136 23.23 20.32 -16.38
CA TYR D 136 22.84 19.33 -17.37
C TYR D 136 24.06 18.62 -17.97
N SER D 137 25.10 19.37 -18.30
CA SER D 137 26.27 18.80 -18.97
C SER D 137 27.51 18.80 -18.09
N LEU D 138 27.36 18.97 -16.79
CA LEU D 138 28.51 19.19 -15.91
C LEU D 138 29.38 17.94 -15.81
N GLN D 139 30.66 18.10 -16.09
CA GLN D 139 31.66 17.08 -15.81
C GLN D 139 32.76 17.70 -14.97
N ARG D 140 33.24 16.94 -13.99
CA ARG D 140 34.34 17.36 -13.13
C ARG D 140 35.40 16.27 -13.16
N PRO D 141 36.16 16.19 -14.26
CA PRO D 141 37.04 15.03 -14.48
C PRO D 141 38.22 14.96 -13.53
N ASN D 142 38.52 16.03 -12.81
CA ASN D 142 39.60 16.03 -11.82
C ASN D 142 39.09 15.85 -10.40
N ASP D 143 37.79 15.62 -10.24
CA ASP D 143 37.14 15.43 -8.95
C ASP D 143 36.67 13.96 -8.91
N HIS D 144 37.48 13.10 -8.28
CA HIS D 144 37.18 11.67 -8.32
C HIS D 144 35.92 11.36 -7.52
N GLU D 145 35.75 12.00 -6.37
CA GLU D 145 34.56 11.77 -5.56
C GLU D 145 33.30 12.18 -6.31
N PHE D 146 33.37 13.27 -7.09
CA PHE D 146 32.21 13.68 -7.86
C PHE D 146 31.85 12.66 -8.93
N MET D 147 32.84 12.05 -9.57
CA MET D 147 32.52 11.05 -10.58
C MET D 147 32.03 9.76 -9.95
N GLN D 148 32.46 9.46 -8.73
CA GLN D 148 31.91 8.31 -8.02
C GLN D 148 30.52 8.59 -7.45
N GLN D 149 30.18 9.85 -7.24
CA GLN D 149 28.93 10.23 -6.58
C GLN D 149 28.26 11.35 -7.38
N PRO D 150 27.83 11.06 -8.60
CA PRO D 150 27.40 12.14 -9.52
C PRO D 150 26.10 12.82 -9.09
N TRP D 151 25.35 12.26 -8.15
CA TRP D 151 24.21 12.98 -7.61
C TRP D 151 24.62 14.26 -6.90
N THR D 152 25.90 14.36 -6.50
CA THR D 152 26.41 15.63 -5.99
C THR D 152 26.14 16.78 -6.95
N GLY D 153 26.05 16.50 -8.25
CA GLY D 153 25.80 17.55 -9.22
C GLY D 153 24.44 18.22 -9.10
N PHE D 154 23.47 17.57 -8.45
CA PHE D 154 22.11 18.08 -8.32
CA PHE D 154 22.16 18.22 -8.32
C PHE D 154 21.71 18.34 -6.87
N THR D 155 22.61 18.14 -5.91
CA THR D 155 22.29 18.31 -4.51
C THR D 155 23.11 19.46 -3.94
N VAL D 156 22.43 20.42 -3.34
CA VAL D 156 23.07 21.58 -2.75
C VAL D 156 22.99 21.44 -1.24
N GLN D 157 24.07 21.80 -0.54
CA GLN D 157 24.11 21.72 0.91
C GLN D 157 24.22 23.13 1.47
N ILE D 158 23.44 23.43 2.51
CA ILE D 158 23.40 24.78 3.09
C ILE D 158 23.47 24.63 4.59
N SER D 159 24.39 25.36 5.23
CA SER D 159 24.48 25.36 6.69
C SER D 159 24.22 26.76 7.24
N PHE D 160 23.44 26.84 8.32
CA PHE D 160 23.16 28.10 9.01
C PHE D 160 24.25 28.36 10.05
N VAL D 161 24.80 29.57 10.06
CA VAL D 161 25.69 30.07 11.11
C VAL D 161 27.09 29.45 11.04
N LYS D 162 27.19 28.12 10.98
CA LYS D 162 28.48 27.43 11.02
C LYS D 162 28.95 27.01 9.63
N GLY D 163 30.21 27.33 9.31
CA GLY D 163 30.83 26.78 8.12
C GLY D 163 31.38 25.38 8.33
N TRP D 164 31.81 24.76 7.24
CA TRP D 164 32.48 23.47 7.28
C TRP D 164 33.48 23.39 6.14
N GLY D 165 34.33 22.37 6.19
CA GLY D 165 35.35 22.17 5.19
C GLY D 165 36.63 22.89 5.56
N GLN D 166 37.48 23.10 4.55
CA GLN D 166 38.76 23.74 4.80
C GLN D 166 38.53 25.19 5.24
N CYS D 167 39.33 25.62 6.23
CA CYS D 167 39.28 26.89 6.97
C CYS D 167 38.36 26.83 8.17
N TYR D 168 37.60 25.75 8.35
CA TYR D 168 36.68 25.64 9.47
C TYR D 168 37.01 24.42 10.30
N THR D 169 36.58 24.47 11.55
CA THR D 169 36.88 23.37 12.45
C THR D 169 36.08 22.13 12.06
N ARG D 170 34.86 22.29 11.59
CA ARG D 170 34.08 21.15 11.11
C ARG D 170 34.55 20.78 9.73
N GLN D 171 35.04 19.55 9.58
CA GLN D 171 35.49 19.08 8.28
C GLN D 171 34.31 18.66 7.39
N PHE D 172 33.24 18.13 7.97
CA PHE D 172 32.12 17.60 7.19
C PHE D 172 30.82 18.28 7.59
N ILE D 173 29.91 18.38 6.62
CA ILE D 173 28.66 19.08 6.87
C ILE D 173 27.86 18.40 7.97
N SER D 174 28.02 17.08 8.13
CA SER D 174 27.24 16.34 9.13
C SER D 174 27.65 16.66 10.56
N SER D 175 28.67 17.49 10.76
CA SER D 175 28.98 18.01 12.09
C SER D 175 28.32 19.36 12.35
N CYS D 176 27.68 19.97 11.36
CA CYS D 176 27.04 21.27 11.53
C CYS D 176 25.73 21.12 12.29
N PRO D 177 25.41 22.06 13.19
CA PRO D 177 24.20 21.91 14.01
C PRO D 177 22.88 22.03 13.24
N CYS D 178 22.80 22.88 12.20
CA CYS D 178 21.55 23.07 11.47
C CYS D 178 21.86 23.21 9.99
N TRP D 179 21.41 22.26 9.17
CA TRP D 179 21.79 22.35 7.77
C TRP D 179 20.72 21.70 6.89
N LEU D 180 20.86 21.93 5.60
CA LEU D 180 19.87 21.54 4.61
C LEU D 180 20.53 20.79 3.48
N GLU D 181 19.80 19.80 2.98
CA GLU D 181 20.09 19.13 1.73
C GLU D 181 18.98 19.51 0.75
N VAL D 182 19.34 20.14 -0.37
CA VAL D 182 18.35 20.55 -1.38
C VAL D 182 18.63 19.78 -2.66
N ILE D 183 17.70 18.91 -3.05
CA ILE D 183 17.86 18.04 -4.21
C ILE D 183 17.05 18.62 -5.36
N PHE D 184 17.71 18.95 -6.48
CA PHE D 184 17.09 19.68 -7.57
C PHE D 184 16.64 18.75 -8.69
N ASN D 185 15.41 18.95 -9.15
CA ASN D 185 14.92 18.30 -10.34
C ASN D 185 15.61 18.88 -11.58
N SER D 186 15.51 18.16 -12.68
N SER D 186 15.52 18.16 -12.69
CA SER D 186 16.24 18.55 -13.88
CA SER D 186 16.26 18.58 -13.88
C SER D 186 15.57 19.72 -14.59
C SER D 186 15.57 19.71 -14.61
N ARG D 187 14.24 19.77 -14.55
CA ARG D 187 13.45 20.84 -15.16
C ARG D 187 13.68 21.07 -16.66
#